data_5RL7
#
_entry.id   5RL7
#
_cell.length_a   59.145
_cell.length_b   70.281
_cell.length_c   85.587
_cell.angle_alpha   102.730
_cell.angle_beta   96.540
_cell.angle_gamma   112.330
#
_symmetry.space_group_name_H-M   'P 1'
#
loop_
_entity.id
_entity.type
_entity.pdbx_description
1 polymer Helicase
2 non-polymer '5-(acetylamino)-2-fluorobenzoic acid'
3 non-polymer 'ZINC ION'
4 non-polymer 'PHOSPHATE ION'
5 water water
#
_entity_poly.entity_id   1
_entity_poly.type   'polypeptide(L)'
_entity_poly.pdbx_seq_one_letter_code
;AVGACVLCNSQTSLRCGACIRRPFLCCKCCYDHVISTSHKLVLSVNPYVCNAPGCDVTDVTQLYLGGMSYYCKSHKPPIS
FPLCANGQVFGLYKNTCVGSDNVTDFNAIATCDWTNAGDYILANTCTERLKLFAAETLKATEETFKLSYGIATVREVLSD
RELHLSWEVGKPRPPLNRNYVFTGYRVTKNSKVQIGEYTFEKGDYGDAVVYRGTTTYKLNVGDYFVLTSHTVMPLSAPTL
VPQEHYVRITGLYPTLNISDEFSSNVANYQKVGMQKYSTLQGPPGTGKSHFAIGLALYYPSARIVYTACSHAAVDALCEK
ALKYLPIDKCSRIIPARARVECFDKFKVNSTLEQYVFCTVNALPETTADIVVFDEISMATNYDLSVVNARLRAKHYVYIG
DPAQLPAPRTLLTKGTLEPEYFNSVCRLMKTIGPDMFLGTCRRCPAEIVDTVSALVYDNKLKAHKDKSAQCFKMFYKGVI
THDVSSAINRPQIGVVREFLTRNPAWRKAVFISPYNSQNAVASKILGLPTQTVDSSQGSEYDYVIFTQTTETAHSCNVNR
FNVAITRAKVGILCIMSDRDLYDKLQFTSLEIPRRNVATLQ
;
_entity_poly.pdbx_strand_id   B,A
#
loop_
_chem_comp.id
_chem_comp.type
_chem_comp.name
_chem_comp.formula
PO4 non-polymer 'PHOSPHATE ION' 'O4 P -3'
VVD non-polymer '5-(acetylamino)-2-fluorobenzoic acid' 'C9 H8 F N O3'
ZN non-polymer 'ZINC ION' 'Zn 2'
#
# COMPACT_ATOMS: atom_id res chain seq x y z
N VAL A 2 -0.24 16.05 21.57
CA VAL A 2 1.04 16.70 22.00
C VAL A 2 2.06 16.51 20.87
N GLY A 3 3.03 17.43 20.74
CA GLY A 3 4.10 17.36 19.73
C GLY A 3 4.99 18.57 19.76
N ALA A 4 5.71 18.82 18.66
CA ALA A 4 6.77 19.84 18.51
C ALA A 4 6.25 21.02 17.71
N CYS A 5 6.49 22.25 18.19
CA CYS A 5 6.16 23.51 17.48
C CYS A 5 7.06 23.61 16.24
N VAL A 6 6.44 23.84 15.06
CA VAL A 6 7.12 23.87 13.73
C VAL A 6 7.99 25.14 13.59
N LEU A 7 8.03 26.05 14.58
CA LEU A 7 8.86 27.29 14.54
C LEU A 7 9.98 27.28 15.58
N CYS A 8 9.70 26.72 16.77
CA CYS A 8 10.58 26.70 17.96
C CYS A 8 11.11 25.30 18.22
N ASN A 9 10.27 24.30 17.95
CA ASN A 9 10.47 22.88 18.31
C ASN A 9 9.93 22.65 19.73
N SER A 10 9.86 23.71 20.55
CA SER A 10 9.26 23.71 21.90
C SER A 10 8.09 22.72 21.94
N GLN A 11 8.05 21.85 22.96
CA GLN A 11 6.94 20.88 23.18
C GLN A 11 5.63 21.65 23.28
N THR A 12 4.50 21.09 22.82
CA THR A 12 3.19 21.79 22.86
C THR A 12 2.02 20.81 22.84
N SER A 13 0.89 21.25 23.37
CA SER A 13 -0.41 20.54 23.31
C SER A 13 -1.37 21.24 22.34
N LEU A 14 -0.88 22.13 21.48
CA LEU A 14 -1.73 22.99 20.60
C LEU A 14 -1.42 22.70 19.12
N ARG A 15 -2.47 22.56 18.31
CA ARG A 15 -2.37 22.66 16.82
C ARG A 15 -3.36 23.72 16.33
N CYS A 16 -2.93 24.55 15.37
CA CYS A 16 -3.81 25.48 14.63
C CYS A 16 -4.80 24.64 13.84
N GLY A 17 -6.08 24.78 14.15
CA GLY A 17 -7.17 24.03 13.49
C GLY A 17 -7.55 24.64 12.15
N ALA A 18 -7.14 25.88 11.86
CA ALA A 18 -7.49 26.58 10.59
C ALA A 18 -6.46 26.27 9.50
N CYS A 19 -5.20 26.01 9.88
CA CYS A 19 -4.13 25.50 8.97
C CYS A 19 -4.57 24.12 8.45
N ILE A 20 -4.38 23.83 7.16
CA ILE A 20 -4.90 22.55 6.59
C ILE A 20 -4.09 21.36 7.11
N ARG A 21 -2.82 21.53 7.47
CA ARG A 21 -1.98 20.43 8.02
C ARG A 21 -2.06 20.36 9.55
N ARG A 22 -2.74 21.32 10.18
CA ARG A 22 -2.84 21.42 11.67
C ARG A 22 -1.48 21.33 12.33
N PRO A 23 -0.54 22.22 12.03
CA PRO A 23 0.80 22.11 12.61
C PRO A 23 0.75 22.45 14.11
N PHE A 24 1.44 21.65 14.94
CA PHE A 24 1.68 21.95 16.37
C PHE A 24 2.38 23.30 16.45
N LEU A 25 1.83 24.21 17.26
CA LEU A 25 2.43 25.53 17.55
C LEU A 25 2.54 25.66 19.08
N CYS A 26 3.66 26.22 19.57
CA CYS A 26 3.94 26.42 21.02
C CYS A 26 3.06 27.59 21.50
N CYS A 27 2.82 27.66 22.80
CA CYS A 27 1.99 28.71 23.45
C CYS A 27 2.26 30.04 22.78
N LYS A 28 3.54 30.37 22.55
CA LYS A 28 3.91 31.71 22.02
C LYS A 28 3.62 31.74 20.51
N CYS A 29 3.91 30.66 19.78
CA CYS A 29 3.95 30.63 18.29
C CYS A 29 2.50 30.57 17.80
N CYS A 30 1.67 29.76 18.46
CA CYS A 30 0.19 29.74 18.31
C CYS A 30 -0.36 31.17 18.49
N TYR A 31 0.00 31.83 19.60
CA TYR A 31 -0.44 33.23 19.91
C TYR A 31 -0.10 34.16 18.76
N ASP A 32 1.18 34.22 18.40
CA ASP A 32 1.68 35.15 17.33
C ASP A 32 0.98 34.82 16.01
N HIS A 33 0.67 33.54 15.73
CA HIS A 33 -0.01 33.09 14.49
C HIS A 33 -1.48 33.54 14.49
N VAL A 34 -2.24 33.21 15.54
CA VAL A 34 -3.69 33.55 15.64
C VAL A 34 -3.92 35.07 15.60
N ILE A 35 -3.10 35.91 16.28
CA ILE A 35 -3.38 37.37 16.39
C ILE A 35 -2.98 38.09 15.11
N SER A 36 -2.15 37.48 14.26
CA SER A 36 -1.61 38.16 13.06
C SER A 36 -2.16 37.54 11.77
N THR A 37 -3.13 36.61 11.87
CA THR A 37 -3.81 35.98 10.70
C THR A 37 -5.30 35.80 11.00
N SER A 38 -6.04 35.17 10.10
CA SER A 38 -7.49 34.85 10.22
C SER A 38 -7.67 33.53 10.99
N HIS A 39 -6.58 32.80 11.22
CA HIS A 39 -6.61 31.48 11.89
C HIS A 39 -6.91 31.67 13.39
N LYS A 40 -8.08 31.24 13.85
CA LYS A 40 -8.50 31.41 15.27
C LYS A 40 -9.04 30.09 15.87
N LEU A 41 -9.13 29.01 15.09
CA LEU A 41 -9.54 27.71 15.66
C LEU A 41 -8.27 27.03 16.16
N VAL A 42 -8.22 26.69 17.44
CA VAL A 42 -7.03 26.04 18.07
C VAL A 42 -7.46 24.71 18.65
N LEU A 43 -6.62 23.68 18.44
CA LEU A 43 -6.84 22.26 18.83
C LEU A 43 -5.77 21.90 19.85
N SER A 44 -6.11 21.12 20.87
CA SER A 44 -5.13 20.64 21.87
C SER A 44 -5.16 19.10 21.93
N VAL A 45 -5.44 18.58 23.13
CA VAL A 45 -6.03 17.23 23.38
C VAL A 45 -7.50 17.31 22.93
N ASN A 46 -8.11 18.49 23.03
CA ASN A 46 -9.47 18.80 22.52
C ASN A 46 -9.42 20.05 21.67
N PRO A 47 -10.55 20.44 21.02
CA PRO A 47 -10.67 21.70 20.28
C PRO A 47 -11.14 22.87 21.15
N TYR A 48 -10.41 23.98 21.13
CA TYR A 48 -10.79 25.24 21.81
C TYR A 48 -12.02 25.81 21.09
N VAL A 49 -13.19 25.38 21.56
CA VAL A 49 -14.54 25.80 21.07
C VAL A 49 -15.41 25.94 22.33
N CYS A 50 -16.45 26.78 22.33
CA CYS A 50 -17.34 26.94 23.51
C CYS A 50 -18.16 25.66 23.69
N ASN A 51 -17.93 24.90 24.78
CA ASN A 51 -18.65 23.65 25.11
C ASN A 51 -20.04 24.00 25.69
N ALA A 52 -20.63 25.13 25.28
CA ALA A 52 -22.02 25.52 25.61
C ALA A 52 -22.95 24.96 24.55
N PRO A 53 -24.24 24.73 24.89
CA PRO A 53 -25.19 24.10 23.98
C PRO A 53 -25.69 25.07 22.89
N GLY A 54 -25.33 24.80 21.62
CA GLY A 54 -25.65 25.66 20.46
C GLY A 54 -25.11 27.08 20.64
N CYS A 55 -23.87 27.20 21.10
CA CYS A 55 -22.96 28.37 20.91
C CYS A 55 -21.99 28.02 19.78
N ASP A 56 -21.71 28.97 18.88
CA ASP A 56 -20.91 28.74 17.65
C ASP A 56 -19.45 29.18 17.88
N VAL A 57 -19.13 29.73 19.06
CA VAL A 57 -17.85 30.47 19.29
C VAL A 57 -16.69 29.46 19.30
N THR A 58 -15.78 29.64 18.32
CA THR A 58 -14.56 28.85 18.01
C THR A 58 -13.28 29.70 18.07
N ASP A 59 -13.38 31.03 17.86
CA ASP A 59 -12.24 31.97 17.93
C ASP A 59 -11.63 31.91 19.34
N VAL A 60 -10.38 31.48 19.42
CA VAL A 60 -9.64 31.21 20.69
C VAL A 60 -9.52 32.50 21.51
N THR A 61 -9.46 33.67 20.85
CA THR A 61 -9.27 35.01 21.48
C THR A 61 -10.59 35.47 22.12
N GLN A 62 -11.70 34.79 21.83
CA GLN A 62 -13.05 35.09 22.39
C GLN A 62 -13.44 33.94 23.33
N LEU A 63 -12.48 33.14 23.79
CA LEU A 63 -12.75 31.94 24.61
C LEU A 63 -11.91 31.93 25.90
N TYR A 64 -12.45 31.24 26.91
CA TYR A 64 -12.02 31.20 28.33
C TYR A 64 -12.13 29.75 28.82
N LEU A 65 -11.15 29.25 29.58
CA LEU A 65 -11.24 27.97 30.33
C LEU A 65 -11.96 28.23 31.66
N GLY A 66 -13.15 27.63 31.83
CA GLY A 66 -13.93 27.65 33.08
C GLY A 66 -14.27 26.22 33.51
N GLY A 67 -13.78 25.79 34.67
CA GLY A 67 -13.81 24.38 35.11
C GLY A 67 -12.74 23.59 34.37
N MET A 68 -13.16 22.65 33.52
CA MET A 68 -12.29 21.91 32.58
C MET A 68 -12.90 21.94 31.17
N SER A 69 -13.86 22.85 30.95
CA SER A 69 -14.55 23.13 29.67
C SER A 69 -14.15 24.53 29.18
N TYR A 70 -14.34 24.78 27.88
CA TYR A 70 -14.03 26.07 27.21
C TYR A 70 -15.34 26.82 26.99
N TYR A 71 -15.37 28.10 27.32
CA TYR A 71 -16.56 28.96 27.08
C TYR A 71 -16.11 30.27 26.44
N CYS A 72 -17.04 30.88 25.68
CA CYS A 72 -16.99 32.28 25.20
C CYS A 72 -17.29 33.23 26.37
N LYS A 73 -17.24 34.54 26.12
CA LYS A 73 -17.64 35.58 27.09
C LYS A 73 -19.02 35.22 27.66
N SER A 74 -19.98 34.90 26.79
CA SER A 74 -21.44 34.91 27.10
C SER A 74 -21.85 33.69 27.94
N HIS A 75 -21.16 32.55 27.85
CA HIS A 75 -21.61 31.29 28.51
C HIS A 75 -20.69 30.90 29.67
N LYS A 76 -19.64 31.67 29.95
CA LYS A 76 -18.55 31.20 30.83
C LYS A 76 -19.02 31.23 32.28
N PRO A 77 -18.44 30.39 33.17
CA PRO A 77 -18.71 30.47 34.61
C PRO A 77 -17.99 31.66 35.24
N PRO A 78 -18.38 32.07 36.47
CA PRO A 78 -17.79 33.25 37.10
C PRO A 78 -16.27 33.09 37.28
N ILE A 79 -15.83 31.87 37.59
CA ILE A 79 -14.39 31.49 37.77
C ILE A 79 -13.88 30.88 36.46
N SER A 80 -13.12 31.66 35.68
CA SER A 80 -12.52 31.27 34.37
C SER A 80 -11.25 32.08 34.12
N PHE A 81 -10.41 31.68 33.16
CA PHE A 81 -9.30 32.50 32.62
C PHE A 81 -9.25 32.43 31.09
N PRO A 82 -8.92 33.55 30.41
CA PRO A 82 -8.93 33.58 28.95
C PRO A 82 -7.89 32.60 28.39
N LEU A 83 -8.25 31.88 27.34
CA LEU A 83 -7.32 30.88 26.73
C LEU A 83 -6.11 31.60 26.14
N CYS A 84 -6.30 32.85 25.75
CA CYS A 84 -5.47 33.54 24.74
C CYS A 84 -5.07 34.93 25.24
N ALA A 85 -4.08 35.00 26.13
CA ALA A 85 -3.57 36.25 26.74
C ALA A 85 -2.12 36.06 27.21
N ASN A 86 -1.40 37.15 27.50
CA ASN A 86 0.02 37.15 27.95
C ASN A 86 0.94 36.76 26.77
N GLY A 87 0.54 37.10 25.54
CA GLY A 87 1.28 36.74 24.32
C GLY A 87 1.39 35.23 24.16
N GLN A 88 0.44 34.50 24.75
CA GLN A 88 0.43 33.02 24.81
C GLN A 88 -1.01 32.50 24.69
N VAL A 89 -1.18 31.34 24.05
CA VAL A 89 -2.43 30.54 24.08
C VAL A 89 -2.23 29.47 25.16
N PHE A 90 -3.29 29.14 25.90
CA PHE A 90 -3.26 28.17 27.03
C PHE A 90 -3.23 26.74 26.49
N GLY A 91 -2.18 26.00 26.86
CA GLY A 91 -2.09 24.53 26.75
C GLY A 91 -1.00 23.99 27.65
N LEU A 92 -0.75 22.67 27.62
CA LEU A 92 0.35 22.00 28.36
C LEU A 92 1.69 22.64 27.98
N TYR A 93 2.70 22.42 28.84
CA TYR A 93 4.14 22.75 28.59
C TYR A 93 4.31 24.25 28.40
N LYS A 94 3.47 25.05 29.09
CA LYS A 94 3.47 26.55 29.10
C LYS A 94 4.85 27.08 29.54
N ASN A 95 5.47 26.41 30.51
CA ASN A 95 6.75 26.85 31.14
C ASN A 95 7.94 26.58 30.19
N THR A 96 7.84 25.59 29.29
CA THR A 96 8.83 25.31 28.21
C THR A 96 8.26 25.79 26.86
N CYS A 97 8.68 26.99 26.43
CA CYS A 97 8.19 27.70 25.23
C CYS A 97 9.15 28.86 24.91
N VAL A 98 9.86 28.81 23.77
CA VAL A 98 10.90 29.81 23.37
C VAL A 98 10.32 30.91 22.48
N GLY A 99 9.48 30.58 21.48
CA GLY A 99 8.93 31.55 20.49
C GLY A 99 9.89 31.81 19.33
N SER A 100 9.63 32.86 18.53
CA SER A 100 10.49 33.36 17.42
C SER A 100 10.39 34.89 17.30
N ASP A 101 11.42 35.53 16.74
CA ASP A 101 11.46 37.00 16.48
C ASP A 101 10.33 37.36 15.52
N ASN A 102 10.31 36.70 14.34
CA ASN A 102 9.30 36.83 13.26
C ASN A 102 8.63 35.47 13.01
N VAL A 103 7.31 35.50 12.86
CA VAL A 103 6.40 34.35 12.56
C VAL A 103 5.86 34.52 11.13
N THR A 104 6.45 35.48 10.40
CA THR A 104 5.94 36.04 9.13
C THR A 104 6.00 34.98 8.02
N ASP A 105 7.09 34.23 7.90
CA ASP A 105 7.27 33.19 6.84
C ASP A 105 6.24 32.08 7.07
N PHE A 106 6.08 31.66 8.30
CA PHE A 106 5.12 30.58 8.66
C PHE A 106 3.69 31.01 8.31
N ASN A 107 3.29 32.22 8.70
CA ASN A 107 1.95 32.81 8.39
C ASN A 107 1.71 32.82 6.87
N ALA A 108 2.69 33.31 6.09
CA ALA A 108 2.61 33.39 4.61
C ALA A 108 2.38 31.98 4.04
N ILE A 109 3.17 30.99 4.50
CA ILE A 109 3.05 29.57 4.03
C ILE A 109 1.65 29.07 4.40
N ALA A 110 1.21 29.41 5.61
CA ALA A 110 0.00 28.87 6.25
C ALA A 110 -1.25 29.38 5.53
N THR A 111 -1.15 30.57 4.92
CA THR A 111 -2.33 31.35 4.44
C THR A 111 -2.32 31.52 2.92
N CYS A 112 -1.20 31.30 2.24
CA CYS A 112 -1.10 31.54 0.78
C CYS A 112 -1.92 30.47 0.02
N ASP A 113 -2.27 30.76 -1.21
CA ASP A 113 -3.14 29.87 -2.04
C ASP A 113 -2.28 29.18 -3.11
N TRP A 114 -0.96 29.40 -3.13
CA TRP A 114 0.00 28.67 -4.00
C TRP A 114 -0.20 28.98 -5.50
N THR A 115 -0.82 30.13 -5.85
CA THR A 115 -1.09 30.47 -7.28
C THR A 115 0.03 31.34 -7.83
N ASN A 116 0.89 31.87 -6.94
CA ASN A 116 1.99 32.81 -7.28
C ASN A 116 3.35 32.13 -7.05
N ALA A 117 4.28 32.32 -7.98
CA ALA A 117 5.69 31.87 -7.91
C ALA A 117 6.28 32.20 -6.54
N GLY A 118 6.02 33.42 -6.02
CA GLY A 118 6.53 33.91 -4.72
C GLY A 118 6.25 32.93 -3.58
N ASP A 119 5.17 32.17 -3.65
CA ASP A 119 4.85 31.21 -2.57
C ASP A 119 5.88 30.05 -2.56
N TYR A 120 6.35 29.66 -3.75
CA TYR A 120 7.30 28.53 -3.97
C TYR A 120 8.71 29.02 -3.66
N ILE A 121 9.01 30.28 -3.98
CA ILE A 121 10.30 30.92 -3.64
C ILE A 121 10.44 30.83 -2.13
N LEU A 122 9.43 31.31 -1.40
CA LEU A 122 9.45 31.29 0.08
C LEU A 122 9.59 29.83 0.58
N ALA A 123 8.81 28.91 0.00
CA ALA A 123 8.77 27.49 0.42
C ALA A 123 10.17 26.89 0.29
N ASN A 124 11.02 27.48 -0.54
CA ASN A 124 12.34 26.91 -0.86
C ASN A 124 13.47 27.72 -0.22
N THR A 125 13.19 28.83 0.47
CA THR A 125 14.24 29.67 1.13
C THR A 125 13.97 29.85 2.63
N CYS A 126 12.84 29.40 3.15
CA CYS A 126 12.52 29.45 4.59
C CYS A 126 13.42 28.45 5.32
N THR A 127 13.20 28.26 6.61
CA THR A 127 13.93 27.28 7.46
C THR A 127 13.59 25.87 7.00
N GLU A 128 14.49 24.91 7.20
CA GLU A 128 14.32 23.51 6.74
C GLU A 128 13.00 22.97 7.31
N ARG A 129 12.66 23.32 8.54
CA ARG A 129 11.45 22.83 9.23
C ARG A 129 10.21 23.42 8.52
N LEU A 130 10.29 24.65 8.04
CA LEU A 130 9.19 25.29 7.28
C LEU A 130 9.16 24.81 5.82
N LYS A 131 10.27 24.32 5.27
CA LYS A 131 10.28 23.70 3.92
C LYS A 131 9.31 22.49 3.95
N LEU A 132 9.37 21.71 5.02
CA LEU A 132 8.52 20.51 5.22
C LEU A 132 7.07 20.95 5.39
N PHE A 133 6.78 21.90 6.27
CA PHE A 133 5.42 22.44 6.49
C PHE A 133 4.86 22.91 5.15
N ALA A 134 5.63 23.72 4.42
CA ALA A 134 5.24 24.29 3.11
C ALA A 134 4.93 23.16 2.11
N ALA A 135 5.77 22.12 2.11
CA ALA A 135 5.72 21.00 1.14
C ALA A 135 4.47 20.16 1.42
N GLU A 136 4.19 19.87 2.68
CA GLU A 136 2.91 19.25 3.12
C GLU A 136 1.72 20.12 2.73
N THR A 137 1.77 21.40 3.11
CA THR A 137 0.67 22.38 2.95
C THR A 137 0.32 22.47 1.48
N LEU A 138 1.31 22.74 0.62
CA LEU A 138 1.15 22.83 -0.86
C LEU A 138 0.53 21.54 -1.37
N LYS A 139 1.05 20.39 -0.93
CA LYS A 139 0.64 19.11 -1.54
C LYS A 139 -0.80 18.78 -1.13
N ALA A 140 -1.13 18.95 0.15
CA ALA A 140 -2.53 18.82 0.62
C ALA A 140 -3.41 19.77 -0.20
N THR A 141 -2.93 20.98 -0.51
CA THR A 141 -3.72 22.01 -1.25
C THR A 141 -3.91 21.54 -2.69
N GLU A 142 -2.87 20.97 -3.31
CA GLU A 142 -2.96 20.41 -4.68
C GLU A 142 -4.00 19.29 -4.71
N GLU A 143 -3.97 18.36 -3.75
CA GLU A 143 -4.89 17.17 -3.74
C GLU A 143 -6.33 17.63 -3.56
N THR A 144 -6.56 18.67 -2.74
CA THR A 144 -7.90 19.29 -2.50
C THR A 144 -8.39 19.99 -3.76
N PHE A 145 -7.51 20.70 -4.46
CA PHE A 145 -7.88 21.39 -5.71
C PHE A 145 -8.44 20.37 -6.73
N LYS A 146 -7.92 19.14 -6.74
CA LYS A 146 -8.38 18.05 -7.63
C LYS A 146 -9.85 17.67 -7.35
N LEU A 147 -10.25 17.57 -6.08
CA LEU A 147 -11.67 17.37 -5.63
C LEU A 147 -12.57 18.48 -6.16
N SER A 148 -12.04 19.70 -6.34
CA SER A 148 -12.81 20.91 -6.74
C SER A 148 -13.36 20.73 -8.17
N TYR A 149 -12.79 19.78 -8.91
CA TYR A 149 -13.17 19.50 -10.31
C TYR A 149 -14.44 18.64 -10.35
N GLY A 150 -15.30 18.94 -11.31
CA GLY A 150 -16.53 18.19 -11.57
C GLY A 150 -16.25 16.79 -12.08
N ILE A 151 -17.13 15.87 -11.73
CA ILE A 151 -17.16 14.47 -12.23
C ILE A 151 -17.45 14.55 -13.73
N ALA A 152 -16.80 13.72 -14.54
CA ALA A 152 -17.19 13.54 -15.96
C ALA A 152 -17.87 12.18 -16.10
N THR A 153 -19.01 12.12 -16.79
CA THR A 153 -19.83 10.89 -16.90
C THR A 153 -20.02 10.56 -18.38
N VAL A 154 -19.88 9.29 -18.75
CA VAL A 154 -20.06 8.82 -20.16
C VAL A 154 -21.55 8.98 -20.49
N ARG A 155 -21.86 9.94 -21.35
CA ARG A 155 -23.23 10.23 -21.82
C ARG A 155 -23.52 9.45 -23.10
N GLU A 156 -22.47 9.08 -23.86
CA GLU A 156 -22.59 8.38 -25.17
C GLU A 156 -21.21 7.88 -25.60
N VAL A 157 -21.12 6.59 -25.97
CA VAL A 157 -19.90 6.01 -26.58
C VAL A 157 -20.03 6.15 -28.11
N LEU A 158 -19.27 7.07 -28.71
CA LEU A 158 -19.34 7.37 -30.17
C LEU A 158 -18.65 6.24 -30.94
N SER A 159 -17.50 5.79 -30.44
CA SER A 159 -16.62 4.76 -31.07
C SER A 159 -15.79 4.10 -29.97
N ASP A 160 -14.72 3.40 -30.36
CA ASP A 160 -13.60 3.05 -29.46
C ASP A 160 -12.67 4.28 -29.42
N ARG A 161 -12.10 4.59 -28.26
CA ARG A 161 -11.13 5.70 -28.05
C ARG A 161 -11.78 7.08 -28.23
N GLU A 162 -13.11 7.18 -28.44
CA GLU A 162 -13.79 8.50 -28.64
C GLU A 162 -15.19 8.53 -27.99
N LEU A 163 -15.40 9.47 -27.05
CA LEU A 163 -16.55 9.53 -26.11
C LEU A 163 -17.27 10.88 -26.17
N HIS A 164 -18.45 10.92 -25.54
CA HIS A 164 -19.24 12.14 -25.21
C HIS A 164 -19.42 12.21 -23.69
N LEU A 165 -18.82 13.21 -23.03
CA LEU A 165 -18.86 13.39 -21.55
C LEU A 165 -19.93 14.40 -21.16
N SER A 166 -20.64 14.11 -20.07
CA SER A 166 -21.53 15.07 -19.34
C SER A 166 -20.83 15.46 -18.03
N TRP A 167 -20.75 16.75 -17.72
CA TRP A 167 -19.89 17.30 -16.62
C TRP A 167 -20.79 17.78 -15.48
N GLU A 168 -20.36 17.55 -14.24
CA GLU A 168 -21.05 17.99 -13.00
C GLU A 168 -21.23 19.52 -13.04
N VAL A 169 -22.45 19.99 -12.83
CA VAL A 169 -22.82 21.43 -12.88
C VAL A 169 -22.24 22.11 -11.65
N GLY A 170 -21.86 23.39 -11.76
CA GLY A 170 -21.45 24.24 -10.63
C GLY A 170 -20.13 23.79 -10.03
N LYS A 171 -19.28 23.18 -10.87
CA LYS A 171 -17.87 22.85 -10.56
C LYS A 171 -17.07 22.95 -11.85
N PRO A 172 -15.82 23.45 -11.82
CA PRO A 172 -15.03 23.59 -13.04
C PRO A 172 -14.64 22.21 -13.58
N ARG A 173 -14.33 22.19 -14.88
CA ARG A 173 -13.80 21.02 -15.61
C ARG A 173 -12.28 21.11 -15.58
N PRO A 174 -11.56 20.01 -15.29
CA PRO A 174 -10.10 20.01 -15.39
C PRO A 174 -9.66 20.11 -16.84
N PRO A 175 -8.47 20.71 -17.11
CA PRO A 175 -7.85 20.65 -18.42
C PRO A 175 -7.78 19.20 -18.92
N LEU A 176 -8.01 18.99 -20.22
CA LEU A 176 -7.98 17.67 -20.87
C LEU A 176 -6.60 17.46 -21.51
N ASN A 177 -5.56 17.31 -20.68
CA ASN A 177 -4.15 17.06 -21.09
C ASN A 177 -3.57 15.93 -20.22
N ARG A 178 -2.31 15.55 -20.48
CA ARG A 178 -1.62 14.40 -19.83
C ARG A 178 -1.40 14.69 -18.33
N ASN A 179 -1.12 15.95 -17.97
CA ASN A 179 -0.88 16.39 -16.57
C ASN A 179 -2.16 16.25 -15.72
N TYR A 180 -3.26 15.77 -16.32
CA TYR A 180 -4.53 15.43 -15.60
C TYR A 180 -4.90 13.98 -15.95
N VAL A 181 -4.56 13.05 -15.04
CA VAL A 181 -4.80 11.58 -15.18
C VAL A 181 -6.03 11.23 -14.34
N PHE A 182 -7.07 10.68 -14.98
CA PHE A 182 -8.39 10.37 -14.37
C PHE A 182 -8.36 8.97 -13.76
N THR A 183 -9.54 8.44 -13.47
CA THR A 183 -9.79 7.04 -13.06
C THR A 183 -11.26 6.72 -13.32
N GLY A 184 -11.55 5.70 -14.13
CA GLY A 184 -12.91 5.28 -14.46
C GLY A 184 -13.56 4.56 -13.28
N TYR A 185 -14.87 4.33 -13.38
CA TYR A 185 -15.69 3.76 -12.27
C TYR A 185 -17.02 3.28 -12.84
N ARG A 186 -17.42 2.06 -12.46
CA ARG A 186 -18.70 1.42 -12.87
C ARG A 186 -19.68 1.46 -11.69
N VAL A 187 -20.92 1.79 -12.00
CA VAL A 187 -22.03 2.02 -11.02
C VAL A 187 -22.47 0.64 -10.51
N THR A 188 -22.32 0.35 -9.21
CA THR A 188 -22.63 -0.98 -8.60
C THR A 188 -23.91 -0.89 -7.77
N LYS A 189 -24.31 -2.01 -7.16
CA LYS A 189 -25.55 -2.14 -6.34
C LYS A 189 -25.58 -1.00 -5.31
N ASN A 190 -24.58 -0.91 -4.44
CA ASN A 190 -24.49 0.12 -3.37
C ASN A 190 -23.07 0.70 -3.31
N SER A 191 -22.30 0.67 -4.41
CA SER A 191 -20.92 1.21 -4.45
C SER A 191 -20.42 1.50 -5.87
N LYS A 192 -19.10 1.63 -6.00
CA LYS A 192 -18.30 1.93 -7.22
C LYS A 192 -17.06 1.04 -7.16
N VAL A 193 -16.51 0.58 -8.28
CA VAL A 193 -15.18 -0.11 -8.29
C VAL A 193 -14.30 0.40 -9.44
N GLN A 194 -13.00 0.57 -9.15
CA GLN A 194 -11.98 1.15 -10.05
C GLN A 194 -11.99 0.37 -11.36
N ILE A 195 -11.55 0.99 -12.44
CA ILE A 195 -11.58 0.39 -13.81
C ILE A 195 -10.43 1.00 -14.62
N GLY A 196 -9.27 1.17 -13.95
CA GLY A 196 -8.02 1.70 -14.55
C GLY A 196 -8.06 3.21 -14.69
N GLU A 197 -6.90 3.85 -14.63
CA GLU A 197 -6.75 5.31 -14.77
C GLU A 197 -7.00 5.66 -16.26
N TYR A 198 -7.25 6.94 -16.57
CA TYR A 198 -7.46 7.45 -17.96
C TYR A 198 -6.96 8.88 -18.11
N THR A 199 -6.72 9.29 -19.37
CA THR A 199 -6.46 10.69 -19.80
C THR A 199 -7.35 11.02 -21.00
N PHE A 200 -7.70 12.30 -21.15
CA PHE A 200 -8.58 12.79 -22.24
C PHE A 200 -7.88 13.92 -23.02
N GLU A 201 -8.29 14.05 -24.28
CA GLU A 201 -7.94 15.15 -25.21
C GLU A 201 -9.17 15.46 -26.07
N LYS A 202 -9.34 16.73 -26.46
CA LYS A 202 -10.46 17.24 -27.30
C LYS A 202 -10.57 16.36 -28.56
N GLY A 203 -11.78 16.23 -29.12
CA GLY A 203 -12.07 15.40 -30.30
C GLY A 203 -11.86 16.16 -31.60
N ALA A 208 -17.11 16.00 -28.18
CA ALA A 208 -16.43 14.68 -28.18
C ALA A 208 -15.02 14.79 -27.60
N VAL A 209 -14.53 13.72 -26.98
CA VAL A 209 -13.16 13.65 -26.40
C VAL A 209 -12.53 12.33 -26.79
N VAL A 210 -11.22 12.34 -27.06
CA VAL A 210 -10.37 11.14 -27.22
C VAL A 210 -9.92 10.72 -25.82
N TYR A 211 -9.81 9.42 -25.55
CA TYR A 211 -9.33 8.89 -24.25
C TYR A 211 -8.31 7.78 -24.51
N ARG A 212 -7.18 7.80 -23.80
CA ARG A 212 -6.07 6.82 -23.94
C ARG A 212 -5.78 6.19 -22.56
N GLY A 213 -6.70 5.35 -22.08
CA GLY A 213 -6.66 4.75 -20.72
C GLY A 213 -5.54 3.73 -20.57
N THR A 214 -5.10 3.51 -19.32
CA THR A 214 -4.05 2.53 -18.91
C THR A 214 -4.41 1.13 -19.44
N THR A 215 -5.50 0.55 -18.92
CA THR A 215 -6.03 -0.78 -19.31
C THR A 215 -7.06 -0.58 -20.44
N THR A 216 -7.44 -1.66 -21.13
CA THR A 216 -8.53 -1.69 -22.14
C THR A 216 -9.82 -2.22 -21.51
N TYR A 217 -10.97 -1.75 -21.99
CA TYR A 217 -12.34 -2.11 -21.52
C TYR A 217 -13.34 -1.87 -22.65
N LYS A 218 -14.61 -2.18 -22.41
CA LYS A 218 -15.76 -1.84 -23.30
C LYS A 218 -16.67 -0.87 -22.55
N LEU A 219 -16.09 0.19 -21.97
CA LEU A 219 -16.79 1.14 -21.04
C LEU A 219 -18.07 1.66 -21.71
N ASN A 220 -19.11 1.88 -20.91
CA ASN A 220 -20.49 2.18 -21.39
C ASN A 220 -21.07 3.36 -20.59
N VAL A 221 -22.27 3.79 -20.95
CA VAL A 221 -23.00 4.98 -20.41
C VAL A 221 -23.05 4.95 -18.87
N GLY A 222 -23.02 6.13 -18.23
CA GLY A 222 -23.10 6.27 -16.76
C GLY A 222 -21.81 5.88 -16.05
N ASP A 223 -20.83 5.33 -16.78
CA ASP A 223 -19.42 5.24 -16.31
C ASP A 223 -18.91 6.66 -16.08
N TYR A 224 -18.16 6.89 -15.01
CA TYR A 224 -17.76 8.27 -14.63
C TYR A 224 -16.26 8.29 -14.30
N PHE A 225 -15.71 9.49 -14.26
CA PHE A 225 -14.25 9.74 -14.21
C PHE A 225 -13.93 10.89 -13.27
N VAL A 226 -12.97 10.67 -12.38
CA VAL A 226 -12.51 11.69 -11.41
C VAL A 226 -11.00 11.57 -11.32
N LEU A 227 -10.33 12.68 -11.05
CA LEU A 227 -8.88 12.70 -10.77
C LEU A 227 -8.70 12.10 -9.37
N THR A 228 -8.00 10.96 -9.26
CA THR A 228 -7.77 10.29 -7.96
C THR A 228 -6.92 11.24 -7.11
N SER A 229 -7.45 11.65 -5.95
CA SER A 229 -6.73 12.39 -4.89
C SER A 229 -6.35 11.42 -3.77
N HIS A 230 -5.32 11.77 -2.99
CA HIS A 230 -4.69 10.89 -1.97
C HIS A 230 -4.56 11.65 -0.65
N THR A 231 -4.52 10.91 0.45
CA THR A 231 -4.05 11.41 1.76
C THR A 231 -2.58 11.82 1.61
N VAL A 232 -2.24 13.03 2.04
CA VAL A 232 -0.84 13.50 2.17
C VAL A 232 -0.39 13.21 3.61
N MET A 233 0.66 12.41 3.77
CA MET A 233 1.25 12.12 5.11
C MET A 233 2.09 13.29 5.60
N PRO A 234 2.27 13.44 6.92
CA PRO A 234 3.19 14.43 7.47
C PRO A 234 4.64 14.07 7.11
N LEU A 235 5.47 15.11 7.02
CA LEU A 235 6.92 14.98 6.74
C LEU A 235 7.64 15.08 8.07
N SER A 236 8.80 14.44 8.17
CA SER A 236 9.65 14.46 9.38
C SER A 236 11.10 14.69 8.98
N ALA A 237 11.57 14.06 7.89
CA ALA A 237 12.99 14.09 7.48
C ALA A 237 13.27 15.38 6.71
N PRO A 238 14.50 15.93 6.84
CA PRO A 238 14.89 17.14 6.12
C PRO A 238 14.84 16.85 4.61
N THR A 239 14.78 17.89 3.79
CA THR A 239 14.86 17.73 2.32
C THR A 239 16.27 17.29 1.91
N LEU A 240 17.30 17.74 2.64
CA LEU A 240 18.70 17.22 2.51
C LEU A 240 19.24 16.85 3.90
N VAL A 241 19.94 15.73 4.05
CA VAL A 241 20.66 15.44 5.32
C VAL A 241 21.76 16.50 5.45
N PRO A 242 22.33 16.71 6.65
CA PRO A 242 23.48 17.59 6.79
C PRO A 242 24.66 17.04 5.97
N GLN A 243 25.29 17.91 5.20
CA GLN A 243 26.42 17.56 4.34
C GLN A 243 27.63 17.19 5.21
N GLU A 244 28.42 16.23 4.75
CA GLU A 244 29.72 15.83 5.34
C GLU A 244 30.73 15.60 4.23
N HIS A 245 31.93 16.15 4.40
CA HIS A 245 33.07 15.90 3.49
C HIS A 245 34.06 14.99 4.20
N TYR A 246 34.65 14.07 3.45
CA TYR A 246 35.57 13.06 4.03
C TYR A 246 36.89 13.22 3.34
N VAL A 247 37.87 12.56 3.93
CA VAL A 247 39.30 12.70 3.52
C VAL A 247 39.72 11.40 2.81
N ARG A 248 38.91 10.34 2.94
CA ARG A 248 38.97 9.09 2.15
C ARG A 248 37.57 8.69 1.70
N ILE A 249 37.47 7.85 0.66
CA ILE A 249 36.18 7.22 0.26
C ILE A 249 35.68 6.46 1.48
N THR A 250 34.41 6.61 1.86
CA THR A 250 33.88 6.09 3.14
C THR A 250 32.81 5.02 2.89
N GLY A 251 33.02 3.84 3.47
CA GLY A 251 32.05 2.73 3.48
C GLY A 251 31.89 2.08 2.12
N LEU A 252 32.73 2.45 1.14
CA LEU A 252 32.72 1.90 -0.24
C LEU A 252 34.13 1.39 -0.59
N TYR A 253 34.18 0.42 -1.51
CA TYR A 253 35.43 -0.27 -1.90
C TYR A 253 35.54 -0.23 -3.42
N PRO A 254 36.39 0.66 -3.99
CA PRO A 254 36.52 0.81 -5.43
C PRO A 254 36.88 -0.53 -6.09
N THR A 255 36.33 -0.83 -7.25
CA THR A 255 36.72 -2.04 -8.01
C THR A 255 38.21 -1.92 -8.34
N LEU A 256 38.89 -3.01 -8.68
CA LEU A 256 40.31 -2.94 -9.11
C LEU A 256 40.39 -2.90 -10.64
N ASN A 257 39.42 -3.53 -11.33
CA ASN A 257 39.28 -3.53 -12.80
C ASN A 257 37.92 -2.90 -13.15
N ILE A 258 37.93 -1.91 -14.02
CA ILE A 258 36.70 -1.26 -14.55
C ILE A 258 36.84 -1.19 -16.07
N SER A 259 35.71 -1.25 -16.76
CA SER A 259 35.65 -1.18 -18.23
C SER A 259 35.83 0.27 -18.65
N ASP A 260 36.54 0.52 -19.74
CA ASP A 260 36.76 1.85 -20.35
C ASP A 260 35.41 2.50 -20.73
N GLU A 261 34.32 1.75 -20.60
CA GLU A 261 32.93 2.27 -20.75
C GLU A 261 32.60 3.26 -19.61
N PHE A 262 33.10 3.04 -18.39
CA PHE A 262 32.82 3.87 -17.19
C PHE A 262 34.04 4.67 -16.69
N SER A 263 35.16 4.62 -17.41
CA SER A 263 36.45 5.21 -16.98
C SER A 263 36.35 6.74 -16.87
N SER A 264 35.50 7.41 -17.67
CA SER A 264 35.30 8.88 -17.60
C SER A 264 34.68 9.34 -16.26
N ASN A 265 34.03 8.44 -15.52
CA ASN A 265 33.30 8.79 -14.27
C ASN A 265 34.09 8.33 -13.04
N VAL A 266 35.29 7.78 -13.20
CA VAL A 266 36.06 7.28 -12.03
C VAL A 266 36.28 8.40 -10.99
N ALA A 267 36.73 9.58 -11.41
CA ALA A 267 36.95 10.73 -10.49
C ALA A 267 35.63 11.04 -9.80
N ASN A 268 34.56 11.17 -10.61
CA ASN A 268 33.20 11.49 -10.09
C ASN A 268 32.80 10.44 -9.06
N TYR A 269 33.07 9.16 -9.35
CA TYR A 269 32.66 8.03 -8.48
C TYR A 269 33.42 8.12 -7.15
N GLN A 270 34.68 8.56 -7.21
CA GLN A 270 35.52 8.77 -6.00
C GLN A 270 34.94 9.94 -5.21
N LYS A 271 34.55 11.02 -5.89
CA LYS A 271 33.91 12.20 -5.24
C LYS A 271 32.62 11.75 -4.53
N VAL A 272 31.82 10.87 -5.14
CA VAL A 272 30.57 10.36 -4.49
C VAL A 272 30.95 9.72 -3.16
N GLY A 273 32.06 9.00 -3.13
CA GLY A 273 32.44 8.23 -1.92
C GLY A 273 33.03 9.14 -0.84
N MET A 274 33.41 10.37 -1.21
CA MET A 274 34.13 11.30 -0.29
C MET A 274 33.21 12.40 0.27
N GLN A 275 31.90 12.32 0.06
CA GLN A 275 30.95 13.21 0.77
C GLN A 275 29.62 12.50 0.97
N LYS A 276 28.79 13.06 1.85
CA LYS A 276 27.53 12.44 2.29
C LYS A 276 26.56 12.50 1.11
N TYR A 277 26.48 13.63 0.41
CA TYR A 277 25.61 13.72 -0.77
C TYR A 277 26.37 14.51 -1.80
N SER A 278 26.08 14.19 -3.06
CA SER A 278 26.64 14.85 -4.24
C SER A 278 25.53 15.06 -5.26
N THR A 279 25.68 16.11 -6.03
CA THR A 279 24.78 16.54 -7.11
C THR A 279 25.54 16.35 -8.42
N LEU A 280 24.90 15.69 -9.39
CA LEU A 280 25.39 15.48 -10.77
C LEU A 280 24.39 16.16 -11.71
N GLN A 281 24.80 17.26 -12.32
CA GLN A 281 24.07 17.86 -13.46
C GLN A 281 24.46 17.09 -14.71
N GLY A 282 23.49 16.36 -15.27
CA GLY A 282 23.58 15.70 -16.58
C GLY A 282 22.70 16.37 -17.63
N PRO A 283 23.28 17.23 -18.48
CA PRO A 283 22.57 17.79 -19.63
C PRO A 283 22.05 16.69 -20.53
N PRO A 284 21.17 17.04 -21.50
CA PRO A 284 20.60 16.05 -22.42
C PRO A 284 21.70 15.24 -23.13
N GLY A 285 21.63 13.92 -23.02
CA GLY A 285 22.42 12.96 -23.80
C GLY A 285 23.85 12.84 -23.29
N THR A 286 24.12 13.19 -22.02
CA THR A 286 25.49 13.24 -21.46
C THR A 286 25.82 11.96 -20.68
N GLY A 287 24.83 11.11 -20.39
CA GLY A 287 25.06 9.77 -19.78
C GLY A 287 24.73 9.68 -18.29
N LYS A 288 23.58 10.21 -17.88
CA LYS A 288 23.12 10.14 -16.47
C LYS A 288 22.90 8.68 -16.03
N SER A 289 22.16 7.87 -16.80
CA SER A 289 21.81 6.48 -16.39
C SER A 289 23.07 5.62 -16.51
N HIS A 290 23.95 5.93 -17.45
CA HIS A 290 25.27 5.27 -17.60
C HIS A 290 26.10 5.55 -16.34
N PHE A 291 26.16 6.80 -15.92
CA PHE A 291 26.74 7.23 -14.63
C PHE A 291 26.19 6.37 -13.48
N ALA A 292 24.87 6.37 -13.34
CA ALA A 292 24.15 5.75 -12.21
C ALA A 292 24.47 4.25 -12.11
N ILE A 293 24.42 3.50 -13.22
CA ILE A 293 24.73 2.04 -13.24
C ILE A 293 26.25 1.82 -13.06
N GLY A 294 27.09 2.63 -13.71
CA GLY A 294 28.57 2.54 -13.62
C GLY A 294 29.05 2.62 -12.17
N LEU A 295 28.25 3.30 -11.35
CA LEU A 295 28.54 3.53 -9.92
C LEU A 295 28.49 2.17 -9.21
N ALA A 296 27.60 1.26 -9.64
CA ALA A 296 27.45 -0.12 -9.11
C ALA A 296 28.69 -0.93 -9.45
N LEU A 297 29.21 -0.73 -10.65
CA LEU A 297 30.38 -1.48 -11.18
C LEU A 297 31.64 -0.96 -10.48
N TYR A 298 31.70 0.33 -10.21
CA TYR A 298 32.89 0.92 -9.55
C TYR A 298 32.90 0.50 -8.07
N TYR A 299 31.75 0.33 -7.45
CA TYR A 299 31.63 -0.14 -6.04
C TYR A 299 30.84 -1.44 -5.97
N PRO A 300 31.41 -2.58 -6.47
CA PRO A 300 30.62 -3.78 -6.76
C PRO A 300 29.91 -4.44 -5.57
N SER A 301 30.40 -4.24 -4.35
CA SER A 301 29.82 -4.80 -3.11
C SER A 301 28.74 -3.87 -2.54
N ALA A 302 28.65 -2.63 -3.00
CA ALA A 302 27.75 -1.59 -2.43
C ALA A 302 26.29 -1.97 -2.73
N ARG A 303 25.44 -1.93 -1.70
CA ARG A 303 23.97 -2.02 -1.83
C ARG A 303 23.46 -0.64 -2.27
N ILE A 304 22.82 -0.57 -3.43
CA ILE A 304 22.38 0.69 -4.07
C ILE A 304 20.87 0.66 -4.30
N VAL A 305 20.18 1.70 -3.84
CA VAL A 305 18.74 1.94 -4.11
C VAL A 305 18.69 3.04 -5.15
N TYR A 306 18.19 2.73 -6.34
CA TYR A 306 17.91 3.66 -7.46
C TYR A 306 16.47 4.11 -7.34
N THR A 307 16.21 5.41 -7.24
CA THR A 307 14.85 5.94 -7.04
C THR A 307 14.66 7.12 -7.96
N ALA A 308 13.40 7.44 -8.27
CA ALA A 308 12.95 8.60 -9.04
C ALA A 308 11.44 8.75 -8.78
N CYS A 309 10.86 9.87 -9.21
CA CYS A 309 9.43 10.16 -8.96
C CYS A 309 8.56 9.26 -9.84
N SER A 310 8.92 9.15 -11.11
CA SER A 310 8.12 8.47 -12.16
C SER A 310 8.61 7.03 -12.37
N HIS A 311 7.67 6.10 -12.47
CA HIS A 311 7.88 4.71 -12.92
C HIS A 311 8.79 4.70 -14.15
N ALA A 312 8.54 5.58 -15.13
CA ALA A 312 9.34 5.65 -16.37
C ALA A 312 10.83 5.89 -16.02
N ALA A 313 11.12 6.86 -15.13
CA ALA A 313 12.49 7.19 -14.73
C ALA A 313 13.10 5.96 -14.08
N VAL A 314 12.34 5.30 -13.23
CA VAL A 314 12.87 4.10 -12.53
C VAL A 314 13.16 3.02 -13.61
N ASP A 315 12.19 2.74 -14.48
CA ASP A 315 12.27 1.65 -15.50
C ASP A 315 13.50 1.86 -16.40
N ALA A 316 13.80 3.10 -16.81
CA ALA A 316 14.98 3.49 -17.61
C ALA A 316 16.29 3.15 -16.84
N LEU A 317 16.31 3.35 -15.53
CA LEU A 317 17.48 2.89 -14.74
C LEU A 317 17.53 1.36 -14.79
N CYS A 318 16.36 0.71 -14.72
CA CYS A 318 16.18 -0.76 -14.80
C CYS A 318 16.74 -1.28 -16.12
N GLU A 319 16.38 -0.65 -17.25
CA GLU A 319 16.80 -1.05 -18.62
C GLU A 319 18.32 -0.98 -18.70
N LYS A 320 18.90 0.09 -18.16
CA LYS A 320 20.35 0.32 -18.19
C LYS A 320 20.98 -0.73 -17.27
N ALA A 321 20.35 -1.03 -16.12
CA ALA A 321 20.92 -2.03 -15.19
C ALA A 321 20.99 -3.37 -15.93
N LEU A 322 19.84 -3.80 -16.46
CA LEU A 322 19.63 -5.12 -17.10
C LEU A 322 20.81 -5.47 -18.03
N LYS A 323 21.42 -4.44 -18.63
CA LYS A 323 22.54 -4.51 -19.60
C LYS A 323 23.94 -4.58 -18.94
N TYR A 324 24.09 -4.32 -17.63
CA TYR A 324 25.42 -4.20 -16.97
C TYR A 324 25.51 -4.96 -15.64
N LEU A 325 24.40 -5.21 -14.94
CA LEU A 325 24.37 -5.75 -13.56
C LEU A 325 23.77 -7.15 -13.57
N PRO A 326 24.18 -8.08 -12.66
CA PRO A 326 23.51 -9.37 -12.54
C PRO A 326 22.01 -9.23 -12.19
N ILE A 327 21.13 -9.88 -12.95
CA ILE A 327 19.64 -9.75 -12.87
C ILE A 327 19.14 -10.26 -11.51
N ASP A 328 19.78 -11.31 -10.98
CA ASP A 328 19.42 -11.91 -9.67
C ASP A 328 19.97 -11.05 -8.52
N LYS A 329 20.63 -9.92 -8.79
CA LYS A 329 21.10 -9.00 -7.72
C LYS A 329 20.22 -7.73 -7.74
N CYS A 330 19.24 -7.70 -8.65
CA CYS A 330 18.28 -6.58 -8.87
C CYS A 330 16.86 -6.99 -8.46
N SER A 331 16.11 -6.04 -7.91
CA SER A 331 14.65 -6.16 -7.63
C SER A 331 13.97 -4.83 -7.96
N ARG A 332 12.83 -4.90 -8.65
CA ARG A 332 11.91 -3.76 -8.90
C ARG A 332 10.85 -3.77 -7.80
N ILE A 333 10.81 -2.75 -6.93
CA ILE A 333 9.71 -2.54 -5.94
C ILE A 333 8.50 -2.00 -6.69
N ILE A 334 7.34 -2.62 -6.46
CA ILE A 334 6.02 -2.22 -7.04
C ILE A 334 5.00 -2.34 -5.92
N PRO A 335 4.15 -1.30 -5.69
CA PRO A 335 3.08 -1.39 -4.70
C PRO A 335 1.87 -2.14 -5.29
N ALA A 336 0.93 -2.55 -4.42
CA ALA A 336 -0.27 -3.34 -4.80
C ALA A 336 -1.39 -2.40 -5.28
N VAL A 340 -0.51 0.27 -13.05
CA VAL A 340 0.31 0.78 -14.20
C VAL A 340 1.39 -0.27 -14.52
N GLU A 341 1.72 -0.42 -15.80
CA GLU A 341 2.68 -1.46 -16.29
C GLU A 341 4.07 -0.83 -16.29
N CYS A 342 4.95 -1.32 -15.40
CA CYS A 342 6.36 -0.90 -15.27
C CYS A 342 7.26 -2.10 -15.58
N PHE A 343 8.53 -2.06 -15.14
CA PHE A 343 9.61 -3.00 -15.52
C PHE A 343 9.40 -4.35 -14.83
N ASP A 344 9.37 -5.46 -15.59
CA ASP A 344 8.99 -6.81 -15.05
C ASP A 344 10.06 -7.85 -15.40
N LYS A 345 11.35 -7.54 -15.23
CA LYS A 345 12.46 -8.49 -15.54
C LYS A 345 13.28 -8.82 -14.30
N PHE A 346 12.97 -8.18 -13.17
CA PHE A 346 13.62 -8.41 -11.86
C PHE A 346 12.60 -9.05 -10.92
N LYS A 347 13.04 -9.83 -9.93
CA LYS A 347 12.13 -10.34 -8.86
C LYS A 347 11.49 -9.10 -8.22
N VAL A 348 10.18 -9.18 -7.98
CA VAL A 348 9.35 -8.03 -7.51
C VAL A 348 9.42 -7.98 -5.98
N ASN A 349 9.51 -6.78 -5.42
CA ASN A 349 9.37 -6.49 -3.97
C ASN A 349 10.30 -7.38 -3.15
N SER A 350 11.59 -7.36 -3.49
CA SER A 350 12.69 -7.99 -2.71
C SER A 350 13.61 -6.86 -2.21
N THR A 351 13.22 -6.27 -1.08
CA THR A 351 13.86 -5.11 -0.41
C THR A 351 15.34 -5.41 -0.11
N LEU A 352 15.65 -6.64 0.30
CA LEU A 352 17.02 -7.02 0.78
C LEU A 352 17.94 -7.35 -0.42
N GLU A 353 17.46 -7.23 -1.65
CA GLU A 353 18.30 -7.37 -2.89
C GLU A 353 19.35 -6.25 -2.94
N GLN A 354 20.52 -6.52 -3.55
CA GLN A 354 21.67 -5.58 -3.59
C GLN A 354 21.27 -4.28 -4.30
N TYR A 355 20.63 -4.41 -5.46
CA TYR A 355 20.17 -3.30 -6.32
C TYR A 355 18.63 -3.26 -6.28
N VAL A 356 18.10 -2.15 -5.79
CA VAL A 356 16.63 -1.92 -5.61
C VAL A 356 16.28 -0.71 -6.46
N PHE A 357 15.30 -0.87 -7.36
CA PHE A 357 14.74 0.13 -8.30
C PHE A 357 13.31 0.33 -7.85
N CYS A 358 12.91 1.57 -7.58
CA CYS A 358 11.67 1.85 -6.83
C CYS A 358 11.40 3.34 -6.89
N THR A 359 10.15 3.72 -7.18
CA THR A 359 9.69 5.11 -7.19
C THR A 359 9.73 5.66 -5.77
N VAL A 360 9.87 6.96 -5.62
CA VAL A 360 9.87 7.59 -4.26
C VAL A 360 8.66 7.13 -3.44
N ASN A 361 7.44 7.23 -3.96
CA ASN A 361 6.22 7.02 -3.12
C ASN A 361 6.15 5.57 -2.62
N ALA A 362 6.75 4.58 -3.31
CA ALA A 362 6.70 3.14 -2.91
C ALA A 362 7.94 2.71 -2.13
N LEU A 363 8.84 3.62 -1.75
CA LEU A 363 10.11 3.20 -1.12
C LEU A 363 9.80 2.47 0.19
N PRO A 364 10.48 1.33 0.45
CA PRO A 364 10.52 0.78 1.81
C PRO A 364 11.49 1.52 2.73
N GLU A 365 11.24 1.37 4.03
CA GLU A 365 12.17 1.79 5.10
C GLU A 365 13.34 0.82 5.02
N THR A 366 14.51 1.25 4.57
CA THR A 366 15.71 0.38 4.45
C THR A 366 16.96 1.25 4.52
N THR A 367 18.12 0.63 4.59
CA THR A 367 19.44 1.28 4.53
C THR A 367 20.05 0.94 3.18
N ALA A 368 21.08 1.66 2.78
CA ALA A 368 21.82 1.38 1.55
C ALA A 368 23.21 2.02 1.67
N ASP A 369 24.16 1.48 0.92
CA ASP A 369 25.49 2.12 0.80
C ASP A 369 25.30 3.40 -0.02
N ILE A 370 24.57 3.34 -1.14
CA ILE A 370 24.32 4.54 -1.99
C ILE A 370 22.83 4.57 -2.35
N VAL A 371 22.23 5.75 -2.23
CA VAL A 371 20.92 6.08 -2.83
C VAL A 371 21.19 6.96 -4.04
N VAL A 372 20.76 6.52 -5.23
CA VAL A 372 20.80 7.34 -6.47
C VAL A 372 19.35 7.79 -6.68
N PHE A 373 19.12 9.09 -6.61
CA PHE A 373 17.80 9.71 -6.84
C PHE A 373 17.94 10.42 -8.19
N ASP A 374 17.30 9.86 -9.22
CA ASP A 374 17.43 10.36 -10.61
C ASP A 374 16.26 11.28 -10.95
N GLU A 375 16.45 12.03 -12.03
CA GLU A 375 15.55 13.03 -12.61
C GLU A 375 15.13 14.02 -11.52
N ILE A 376 16.13 14.63 -10.87
CA ILE A 376 15.94 15.43 -9.63
C ILE A 376 15.20 16.74 -9.94
N SER A 377 15.32 17.32 -11.15
CA SER A 377 14.53 18.50 -11.57
C SER A 377 13.04 18.24 -11.35
N MET A 378 12.59 16.98 -11.45
CA MET A 378 11.15 16.65 -11.42
C MET A 378 10.70 16.44 -9.96
N ALA A 379 11.64 16.36 -9.01
CA ALA A 379 11.33 16.11 -7.60
C ALA A 379 10.78 17.38 -6.96
N THR A 380 9.90 17.21 -5.99
CA THR A 380 9.46 18.30 -5.07
C THR A 380 10.18 18.09 -3.74
N ASN A 381 10.09 19.07 -2.84
CA ASN A 381 10.68 19.01 -1.47
C ASN A 381 9.98 17.90 -0.72
N TYR A 382 8.71 17.68 -1.04
CA TYR A 382 7.96 16.53 -0.48
C TYR A 382 8.72 15.23 -0.80
N ASP A 383 8.96 14.97 -2.09
CA ASP A 383 9.75 13.78 -2.53
C ASP A 383 11.09 13.73 -1.78
N LEU A 384 11.85 14.82 -1.79
CA LEU A 384 13.20 14.86 -1.15
C LEU A 384 13.10 14.42 0.32
N SER A 385 12.07 14.87 1.04
CA SER A 385 11.89 14.53 2.48
C SER A 385 11.54 13.05 2.62
N VAL A 386 10.60 12.57 1.81
CA VAL A 386 10.20 11.13 1.81
C VAL A 386 11.46 10.27 1.67
N VAL A 387 12.30 10.59 0.70
CA VAL A 387 13.47 9.71 0.43
C VAL A 387 14.30 9.68 1.71
N ASN A 388 14.59 10.85 2.29
CA ASN A 388 15.42 10.93 3.52
C ASN A 388 14.75 10.16 4.66
N ALA A 389 13.42 10.09 4.73
CA ALA A 389 12.66 9.40 5.80
C ALA A 389 12.74 7.88 5.62
N ARG A 390 12.62 7.38 4.38
CA ARG A 390 12.57 5.92 4.07
C ARG A 390 14.00 5.33 4.03
N LEU A 391 15.00 6.06 3.48
CA LEU A 391 16.35 5.50 3.16
C LEU A 391 17.44 6.14 4.02
N ARG A 392 18.04 5.37 4.92
CA ARG A 392 19.27 5.79 5.64
C ARG A 392 20.46 5.26 4.86
N ALA A 393 21.18 6.13 4.17
CA ALA A 393 22.31 5.74 3.28
C ALA A 393 23.63 6.37 3.76
N LYS A 394 24.74 5.70 3.48
CA LYS A 394 26.11 6.26 3.63
C LYS A 394 26.28 7.40 2.61
N HIS A 395 25.75 7.27 1.40
CA HIS A 395 25.93 8.31 0.34
C HIS A 395 24.64 8.50 -0.44
N TYR A 396 24.31 9.75 -0.75
CA TYR A 396 23.15 10.12 -1.59
C TYR A 396 23.70 10.80 -2.83
N VAL A 397 23.35 10.28 -4.00
CA VAL A 397 23.66 10.95 -5.29
C VAL A 397 22.34 11.45 -5.92
N TYR A 398 22.25 12.74 -6.17
CA TYR A 398 21.12 13.44 -6.80
C TYR A 398 21.50 13.70 -8.25
N ILE A 399 20.85 13.03 -9.19
CA ILE A 399 21.15 13.16 -10.64
C ILE A 399 19.98 13.85 -11.32
N GLY A 400 20.28 14.82 -12.15
CA GLY A 400 19.25 15.49 -12.93
C GLY A 400 19.89 16.65 -13.64
N ASP A 401 19.05 17.63 -13.98
CA ASP A 401 19.46 18.81 -14.76
C ASP A 401 18.53 19.95 -14.39
N PRO A 402 18.96 20.90 -13.54
CA PRO A 402 18.11 22.03 -13.18
C PRO A 402 17.75 22.88 -14.41
N ALA A 403 18.37 22.62 -15.57
CA ALA A 403 18.06 23.30 -16.85
C ALA A 403 16.93 22.57 -17.57
N GLN A 404 16.43 21.46 -17.04
CA GLN A 404 15.28 20.75 -17.66
C GLN A 404 14.02 21.06 -16.86
N LEU A 405 12.94 20.35 -17.13
CA LEU A 405 11.59 20.70 -16.63
C LEU A 405 11.42 20.20 -15.21
N PRO A 406 10.68 20.99 -14.42
CA PRO A 406 10.25 20.58 -13.10
C PRO A 406 8.87 19.90 -13.11
N ALA A 407 8.52 19.26 -12.00
CA ALA A 407 7.17 18.74 -11.74
C ALA A 407 6.19 19.86 -12.02
N PRO A 408 5.11 19.63 -12.80
CA PRO A 408 4.07 20.65 -12.95
C PRO A 408 3.56 21.09 -11.57
N ARG A 409 3.37 22.39 -11.42
CA ARG A 409 2.75 23.02 -10.23
C ARG A 409 1.33 23.40 -10.65
N THR A 410 0.40 22.45 -10.49
CA THR A 410 -1.00 22.50 -10.99
C THR A 410 -1.67 23.81 -10.56
N LEU A 411 -1.28 24.37 -9.40
CA LEU A 411 -1.90 25.59 -8.82
C LEU A 411 -1.19 26.87 -9.25
N LEU A 412 0.06 26.79 -9.73
CA LEU A 412 0.85 28.02 -10.04
C LEU A 412 0.37 28.63 -11.35
N THR A 413 -0.16 29.86 -11.30
CA THR A 413 -0.71 30.63 -12.44
C THR A 413 0.08 31.93 -12.66
N LYS A 414 0.47 32.63 -11.59
CA LYS A 414 1.13 33.97 -11.63
C LYS A 414 2.64 33.79 -11.38
N GLY A 415 3.48 34.26 -12.31
CA GLY A 415 4.94 34.31 -12.17
C GLY A 415 5.57 33.08 -12.78
N THR A 416 6.88 33.09 -12.97
CA THR A 416 7.65 31.88 -13.40
C THR A 416 8.40 31.34 -12.18
N LEU A 417 8.52 30.03 -12.12
CA LEU A 417 9.35 29.30 -11.14
C LEU A 417 10.76 29.13 -11.71
N GLU A 418 11.73 29.85 -11.20
CA GLU A 418 13.16 29.73 -11.59
C GLU A 418 13.70 28.41 -11.07
N PRO A 419 14.68 27.78 -11.76
CA PRO A 419 15.19 26.46 -11.37
C PRO A 419 15.75 26.36 -9.94
N GLU A 420 16.30 27.46 -9.42
CA GLU A 420 16.85 27.49 -8.04
C GLU A 420 15.73 27.29 -7.04
N TYR A 421 14.45 27.35 -7.45
CA TYR A 421 13.32 27.15 -6.52
C TYR A 421 12.59 25.83 -6.77
N PHE A 422 13.10 24.94 -7.63
CA PHE A 422 12.38 23.68 -7.99
C PHE A 422 12.34 22.75 -6.78
N ASN A 423 13.46 22.64 -6.05
CA ASN A 423 13.57 21.85 -4.79
C ASN A 423 14.92 22.19 -4.16
N SER A 424 15.23 21.71 -2.97
CA SER A 424 16.50 22.00 -2.24
C SER A 424 17.71 21.60 -3.09
N VAL A 425 17.62 20.49 -3.84
CA VAL A 425 18.78 19.98 -4.60
C VAL A 425 19.06 20.95 -5.73
N CYS A 426 18.05 21.30 -6.53
CA CYS A 426 18.24 22.26 -7.64
C CYS A 426 18.69 23.59 -7.07
N ARG A 427 18.17 23.97 -5.90
CA ARG A 427 18.65 25.20 -5.23
C ARG A 427 20.17 25.11 -5.05
N LEU A 428 20.69 24.07 -4.40
CA LEU A 428 22.17 23.96 -4.25
C LEU A 428 22.82 24.04 -5.63
N MET A 429 22.34 23.26 -6.60
CA MET A 429 23.03 23.16 -7.92
C MET A 429 23.09 24.54 -8.57
N LYS A 430 22.09 25.41 -8.38
CA LYS A 430 22.04 26.76 -9.00
C LYS A 430 22.79 27.82 -8.16
N THR A 431 22.96 27.63 -6.85
CA THR A 431 23.57 28.65 -5.95
C THR A 431 25.08 28.37 -5.83
N ILE A 432 25.49 27.18 -5.39
CA ILE A 432 26.91 26.79 -5.17
C ILE A 432 27.43 26.02 -6.37
N GLY A 433 26.53 25.62 -7.29
CA GLY A 433 26.90 24.78 -8.45
C GLY A 433 26.79 23.28 -8.15
N PRO A 434 26.75 22.43 -9.20
CA PRO A 434 26.66 21.00 -8.99
C PRO A 434 28.02 20.44 -8.56
N ASP A 435 28.06 19.39 -7.75
CA ASP A 435 29.32 18.70 -7.40
C ASP A 435 29.99 18.13 -8.66
N MET A 436 29.17 17.64 -9.61
CA MET A 436 29.67 16.91 -10.79
C MET A 436 28.83 17.30 -12.01
N PHE A 437 29.47 17.39 -13.16
CA PHE A 437 28.89 17.91 -14.42
C PHE A 437 29.27 16.94 -15.54
N LEU A 438 28.31 16.44 -16.29
CA LEU A 438 28.58 15.60 -17.50
C LEU A 438 28.64 16.56 -18.69
N GLY A 439 29.85 16.82 -19.19
CA GLY A 439 30.12 18.02 -20.00
C GLY A 439 30.02 17.76 -21.48
N THR A 440 29.82 16.51 -21.89
CA THR A 440 29.83 16.13 -23.33
C THR A 440 28.49 15.52 -23.75
N CYS A 441 27.79 16.20 -24.64
CA CYS A 441 26.52 15.74 -25.23
C CYS A 441 26.82 14.82 -26.43
N ARG A 442 26.37 13.57 -26.36
CA ARG A 442 26.58 12.54 -27.40
C ARG A 442 25.37 12.48 -28.34
N ARG A 443 24.24 13.05 -27.91
CA ARG A 443 22.96 12.94 -28.66
C ARG A 443 23.00 13.89 -29.86
N CYS A 444 23.21 15.19 -29.61
CA CYS A 444 22.70 16.25 -30.49
C CYS A 444 23.75 16.73 -31.48
N PRO A 445 23.32 17.20 -32.67
CA PRO A 445 24.18 17.96 -33.56
C PRO A 445 24.75 19.19 -32.84
N ALA A 446 25.92 19.66 -33.28
CA ALA A 446 26.70 20.70 -32.58
C ALA A 446 25.90 22.02 -32.56
N GLU A 447 25.06 22.26 -33.56
CA GLU A 447 24.26 23.52 -33.63
C GLU A 447 23.33 23.61 -32.41
N ILE A 448 22.72 22.50 -32.01
CA ILE A 448 21.81 22.40 -30.84
C ILE A 448 22.65 22.49 -29.58
N VAL A 449 23.74 21.74 -29.53
CA VAL A 449 24.61 21.70 -28.31
C VAL A 449 25.12 23.12 -28.05
N ASP A 450 25.65 23.78 -29.09
CA ASP A 450 26.22 25.14 -28.96
C ASP A 450 25.12 26.07 -28.46
N THR A 451 23.91 25.95 -29.01
CA THR A 451 22.78 26.84 -28.67
C THR A 451 22.49 26.72 -27.18
N VAL A 452 22.31 25.50 -26.68
CA VAL A 452 21.86 25.29 -25.28
C VAL A 452 23.06 25.42 -24.34
N SER A 453 24.26 25.06 -24.80
CA SER A 453 25.49 25.34 -24.03
C SER A 453 25.44 26.79 -23.54
N ALA A 454 25.21 27.74 -24.43
CA ALA A 454 25.14 29.20 -24.15
C ALA A 454 23.81 29.59 -23.50
N LEU A 455 22.72 28.94 -23.89
CA LEU A 455 21.37 29.33 -23.41
C LEU A 455 21.32 29.10 -21.90
N VAL A 456 21.79 27.95 -21.41
CA VAL A 456 21.46 27.51 -20.02
C VAL A 456 22.64 26.83 -19.31
N TYR A 457 23.76 26.52 -19.95
CA TYR A 457 24.83 25.72 -19.33
C TYR A 457 26.12 26.53 -19.19
N ASP A 458 26.06 27.87 -19.30
CA ASP A 458 27.26 28.74 -19.18
C ASP A 458 28.40 28.26 -20.08
N ASN A 459 28.10 27.83 -21.30
CA ASN A 459 29.11 27.48 -22.35
C ASN A 459 30.01 26.34 -21.88
N LYS A 460 29.54 25.50 -20.95
CA LYS A 460 30.32 24.35 -20.44
C LYS A 460 29.89 23.06 -21.13
N LEU A 461 28.87 23.10 -21.99
CA LEU A 461 28.41 21.85 -22.64
C LEU A 461 29.04 21.76 -24.04
N LYS A 462 29.71 20.64 -24.29
CA LYS A 462 30.50 20.37 -25.53
C LYS A 462 29.79 19.32 -26.37
N ALA A 463 29.83 19.49 -27.70
CA ALA A 463 29.28 18.54 -28.69
C ALA A 463 30.28 17.41 -28.92
N HIS A 464 29.81 16.18 -28.96
CA HIS A 464 30.52 15.01 -29.51
C HIS A 464 30.40 15.06 -31.03
N LYS A 465 29.17 14.97 -31.54
CA LYS A 465 28.87 14.98 -32.98
C LYS A 465 29.33 16.31 -33.57
N ASP A 466 29.62 16.32 -34.88
CA ASP A 466 29.82 17.57 -35.65
C ASP A 466 28.48 18.28 -35.87
N LYS A 467 28.52 19.44 -36.53
CA LYS A 467 27.32 20.04 -37.16
C LYS A 467 26.69 18.99 -38.09
N SER A 468 25.36 18.95 -38.09
CA SER A 468 24.53 18.13 -39.00
C SER A 468 24.21 18.94 -40.26
N ALA A 469 24.13 20.26 -40.15
CA ALA A 469 23.65 21.14 -41.23
C ALA A 469 22.15 20.91 -41.46
N GLN A 470 21.48 20.18 -40.56
CA GLN A 470 20.05 19.78 -40.69
C GLN A 470 19.24 20.44 -39.56
N CYS A 471 19.71 21.60 -39.12
CA CYS A 471 19.18 22.36 -37.98
C CYS A 471 18.72 23.72 -38.52
N PHE A 472 17.41 23.90 -38.59
CA PHE A 472 16.75 25.03 -39.28
C PHE A 472 15.82 25.76 -38.32
N LYS A 473 15.62 27.05 -38.57
CA LYS A 473 14.72 27.93 -37.81
C LYS A 473 14.01 28.87 -38.78
N MET A 474 12.73 29.08 -38.55
N MET A 474 12.73 29.10 -38.55
CA MET A 474 11.93 30.07 -39.31
CA MET A 474 11.88 30.04 -39.32
C MET A 474 11.26 30.97 -38.28
C MET A 474 11.21 30.95 -38.31
N PHE A 475 11.16 32.25 -38.59
CA PHE A 475 10.48 33.25 -37.74
C PHE A 475 9.13 33.51 -38.38
N TYR A 476 8.07 33.04 -37.72
CA TYR A 476 6.69 33.07 -38.26
C TYR A 476 5.70 33.06 -37.10
N LYS A 477 5.02 34.18 -36.88
CA LYS A 477 4.06 34.34 -35.76
C LYS A 477 2.77 33.61 -36.08
N GLY A 478 2.41 33.64 -37.37
CA GLY A 478 1.19 33.02 -37.90
C GLY A 478 -0.03 33.55 -37.19
N VAL A 479 -0.86 32.66 -36.68
CA VAL A 479 -2.18 33.02 -36.10
C VAL A 479 -2.44 32.10 -34.92
N ILE A 480 -2.72 32.69 -33.75
CA ILE A 480 -3.00 31.94 -32.49
C ILE A 480 -4.49 31.93 -32.24
N THR A 481 -5.03 30.73 -32.05
CA THR A 481 -6.39 30.51 -31.57
C THR A 481 -6.25 29.83 -30.20
N HIS A 482 -7.23 30.03 -29.35
CA HIS A 482 -7.28 29.51 -27.97
C HIS A 482 -8.52 28.64 -27.91
N ASP A 483 -8.40 27.45 -27.32
CA ASP A 483 -9.60 26.69 -26.88
C ASP A 483 -9.62 26.77 -25.36
N VAL A 484 -10.31 25.85 -24.68
CA VAL A 484 -10.59 26.05 -23.23
C VAL A 484 -9.28 26.15 -22.42
N SER A 485 -8.26 25.31 -22.66
CA SER A 485 -7.00 25.32 -21.82
C SER A 485 -5.70 25.22 -22.65
N SER A 486 -5.74 25.44 -23.97
CA SER A 486 -4.58 25.22 -24.86
C SER A 486 -4.54 26.29 -25.96
N ALA A 487 -3.48 26.30 -26.78
CA ALA A 487 -3.30 27.20 -27.93
C ALA A 487 -3.05 26.36 -29.19
N ILE A 488 -3.35 26.97 -30.33
CA ILE A 488 -3.22 26.34 -31.66
C ILE A 488 -2.66 27.43 -32.55
N ASN A 489 -1.75 27.06 -33.46
CA ASN A 489 -1.26 28.01 -34.48
C ASN A 489 -1.25 27.28 -35.83
N ARG A 490 -2.39 27.32 -36.53
CA ARG A 490 -2.59 26.54 -37.78
C ARG A 490 -1.57 26.99 -38.81
N PRO A 491 -1.34 28.30 -39.00
CA PRO A 491 -0.34 28.70 -39.99
C PRO A 491 1.07 28.11 -39.71
N GLN A 492 1.50 27.91 -38.45
CA GLN A 492 2.85 27.32 -38.15
C GLN A 492 2.87 25.85 -38.61
N ILE A 493 1.74 25.16 -38.49
CA ILE A 493 1.54 23.78 -39.02
C ILE A 493 1.54 23.83 -40.55
N GLY A 494 0.84 24.79 -41.15
CA GLY A 494 0.89 25.01 -42.61
C GLY A 494 2.32 25.16 -43.11
N VAL A 495 3.14 25.95 -42.42
CA VAL A 495 4.56 26.14 -42.83
C VAL A 495 5.23 24.77 -42.77
N VAL A 496 4.96 23.97 -41.74
CA VAL A 496 5.58 22.63 -41.59
C VAL A 496 5.10 21.74 -42.73
N ARG A 497 3.81 21.83 -43.09
CA ARG A 497 3.24 21.03 -44.21
C ARG A 497 4.01 21.30 -45.49
N GLU A 498 4.25 22.58 -45.81
CA GLU A 498 4.92 22.98 -47.09
C GLU A 498 6.39 22.56 -47.02
N PHE A 499 7.02 22.69 -45.86
CA PHE A 499 8.40 22.23 -45.63
C PHE A 499 8.52 20.73 -45.92
N LEU A 500 7.58 19.93 -45.41
CA LEU A 500 7.59 18.46 -45.56
C LEU A 500 7.46 18.09 -47.04
N THR A 501 6.63 18.81 -47.83
CA THR A 501 6.43 18.50 -49.27
C THR A 501 7.75 18.68 -50.01
N ARG A 502 8.62 19.60 -49.57
CA ARG A 502 9.93 19.87 -50.22
C ARG A 502 11.05 19.09 -49.49
N ASN A 503 10.73 18.35 -48.44
CA ASN A 503 11.73 17.68 -47.56
C ASN A 503 11.14 16.38 -47.06
N PRO A 504 10.74 15.47 -47.97
CA PRO A 504 10.04 14.25 -47.57
C PRO A 504 10.81 13.34 -46.61
N ALA A 505 12.14 13.45 -46.54
CA ALA A 505 12.99 12.70 -45.59
C ALA A 505 12.54 13.00 -44.15
N TRP A 506 12.06 14.21 -43.91
CA TRP A 506 11.66 14.68 -42.55
C TRP A 506 10.31 14.08 -42.13
N ARG A 507 9.78 13.10 -42.88
CA ARG A 507 8.47 12.48 -42.59
C ARG A 507 8.68 11.43 -41.51
N LYS A 508 9.92 11.15 -41.16
CA LYS A 508 10.27 10.33 -39.97
C LYS A 508 10.30 11.21 -38.70
N ALA A 509 10.07 12.52 -38.81
CA ALA A 509 10.23 13.48 -37.69
C ALA A 509 9.18 13.25 -36.58
N VAL A 510 9.54 13.65 -35.37
CA VAL A 510 8.55 13.82 -34.28
C VAL A 510 8.16 15.29 -34.25
N PHE A 511 6.86 15.53 -34.06
CA PHE A 511 6.26 16.86 -33.93
C PHE A 511 6.20 17.22 -32.46
N ILE A 512 6.78 18.35 -32.12
CA ILE A 512 6.79 18.82 -30.70
C ILE A 512 6.26 20.26 -30.65
N SER A 513 5.44 20.54 -29.64
CA SER A 513 4.95 21.90 -29.36
C SER A 513 4.72 22.05 -27.86
N PRO A 514 4.62 23.29 -27.33
CA PRO A 514 4.25 23.48 -25.94
C PRO A 514 2.78 23.23 -25.62
N TYR A 515 1.95 22.77 -26.56
CA TYR A 515 0.47 22.71 -26.36
C TYR A 515 -0.10 21.41 -26.94
N ASN A 516 -0.89 20.73 -26.11
CA ASN A 516 -1.62 19.48 -26.49
C ASN A 516 -2.55 19.77 -27.68
N SER A 517 -3.26 20.91 -27.74
CA SER A 517 -4.15 21.26 -28.88
C SER A 517 -3.36 21.46 -30.17
N GLN A 518 -2.26 22.20 -30.14
CA GLN A 518 -1.37 22.36 -31.31
C GLN A 518 -1.03 20.95 -31.84
N ASN A 519 -0.61 20.05 -30.94
CA ASN A 519 -0.21 18.66 -31.23
C ASN A 519 -1.38 17.91 -31.90
N ALA A 520 -2.60 18.00 -31.37
CA ALA A 520 -3.76 17.29 -31.94
C ALA A 520 -4.00 17.76 -33.38
N VAL A 521 -3.96 19.07 -33.64
CA VAL A 521 -4.17 19.58 -35.02
C VAL A 521 -2.99 19.12 -35.89
N ALA A 522 -1.75 19.17 -35.39
CA ALA A 522 -0.54 18.76 -36.16
C ALA A 522 -0.66 17.28 -36.56
N SER A 523 -1.15 16.44 -35.65
CA SER A 523 -1.29 14.99 -35.82
C SER A 523 -2.15 14.67 -37.05
N LYS A 524 -3.31 15.33 -37.15
CA LYS A 524 -4.33 15.12 -38.20
C LYS A 524 -3.77 15.64 -39.52
N ILE A 525 -3.17 16.83 -39.51
CA ILE A 525 -2.70 17.53 -40.74
C ILE A 525 -1.39 16.92 -41.25
N LEU A 526 -0.48 16.52 -40.36
CA LEU A 526 0.89 16.06 -40.73
C LEU A 526 1.00 14.54 -40.63
N GLY A 527 0.33 13.92 -39.67
CA GLY A 527 0.51 12.49 -39.38
C GLY A 527 1.87 12.18 -38.77
N LEU A 528 2.63 13.18 -38.34
CA LEU A 528 3.83 12.91 -37.51
C LEU A 528 3.35 12.42 -36.16
N PRO A 529 4.10 11.54 -35.47
CA PRO A 529 3.91 11.33 -34.03
C PRO A 529 4.08 12.70 -33.34
N THR A 530 3.32 12.94 -32.28
CA THR A 530 3.42 14.21 -31.51
C THR A 530 3.81 13.94 -30.06
N GLN A 531 4.45 14.94 -29.46
CA GLN A 531 4.80 15.01 -28.02
C GLN A 531 4.68 16.46 -27.56
N THR A 532 4.23 16.69 -26.35
CA THR A 532 4.44 17.99 -25.66
C THR A 532 5.91 18.04 -25.27
N VAL A 533 6.46 19.23 -25.13
CA VAL A 533 7.86 19.32 -24.63
C VAL A 533 7.92 18.52 -23.34
N ASP A 534 6.94 18.73 -22.45
CA ASP A 534 6.91 18.12 -21.10
C ASP A 534 6.92 16.59 -21.27
N SER A 535 6.17 15.98 -22.19
CA SER A 535 6.16 14.50 -22.31
C SER A 535 7.40 13.98 -23.07
N SER A 536 8.12 14.82 -23.81
CA SER A 536 9.29 14.42 -24.65
C SER A 536 10.54 14.28 -23.75
N GLN A 537 10.58 14.92 -22.57
CA GLN A 537 11.74 14.91 -21.63
C GLN A 537 12.19 13.46 -21.43
N GLY A 538 13.47 13.16 -21.69
CA GLY A 538 14.04 11.81 -21.51
C GLY A 538 13.99 10.96 -22.78
N SER A 539 13.34 11.44 -23.84
CA SER A 539 13.24 10.72 -25.12
C SER A 539 14.14 11.38 -26.16
N GLU A 540 14.52 10.65 -27.19
CA GLU A 540 15.32 11.21 -28.29
C GLU A 540 14.72 10.73 -29.60
N TYR A 541 14.84 11.54 -30.64
CA TYR A 541 14.38 11.21 -32.01
C TYR A 541 15.40 11.77 -32.99
N ASP A 542 15.50 11.17 -34.17
CA ASP A 542 16.46 11.56 -35.23
C ASP A 542 16.09 12.97 -35.66
N TYR A 543 14.81 13.21 -35.96
CA TYR A 543 14.34 14.50 -36.53
C TYR A 543 13.19 15.06 -35.68
N VAL A 544 13.28 16.34 -35.38
CA VAL A 544 12.26 17.02 -34.53
C VAL A 544 11.76 18.22 -35.30
N ILE A 545 10.45 18.38 -35.37
CA ILE A 545 9.83 19.62 -35.89
C ILE A 545 9.14 20.28 -34.71
N PHE A 546 9.55 21.50 -34.41
CA PHE A 546 9.01 22.26 -33.25
C PHE A 546 8.32 23.51 -33.79
N THR A 547 7.04 23.65 -33.43
CA THR A 547 6.30 24.91 -33.55
C THR A 547 6.13 25.51 -32.15
N GLN A 548 6.66 26.71 -31.95
CA GLN A 548 6.50 27.43 -30.66
C GLN A 548 5.03 27.76 -30.35
N THR A 549 4.19 27.97 -31.36
CA THR A 549 2.71 28.18 -31.24
C THR A 549 2.38 29.60 -30.72
N THR A 550 2.96 30.01 -29.60
CA THR A 550 2.78 31.35 -28.96
C THR A 550 4.15 31.89 -28.49
N GLU A 551 4.18 33.13 -27.97
CA GLU A 551 5.35 33.70 -27.23
C GLU A 551 4.95 34.00 -25.78
N THR A 552 4.16 33.13 -25.17
CA THR A 552 3.81 33.22 -23.73
C THR A 552 5.05 32.87 -22.90
N ALA A 553 5.01 33.16 -21.60
CA ALA A 553 6.00 32.68 -20.61
C ALA A 553 6.16 31.16 -20.76
N HIS A 554 5.05 30.45 -20.95
CA HIS A 554 4.99 28.98 -21.09
C HIS A 554 5.87 28.55 -22.26
N SER A 555 5.68 29.18 -23.42
CA SER A 555 6.28 28.73 -24.69
C SER A 555 7.71 29.30 -24.81
N CYS A 556 8.10 30.29 -23.99
CA CYS A 556 9.43 30.94 -24.07
C CYS A 556 10.31 30.50 -22.89
N ASN A 557 9.79 29.62 -22.04
CA ASN A 557 10.48 29.17 -20.82
C ASN A 557 11.78 28.44 -21.22
N VAL A 558 12.94 28.88 -20.70
CA VAL A 558 14.24 28.44 -21.30
C VAL A 558 14.43 26.96 -21.00
N ASN A 559 13.93 26.47 -19.87
CA ASN A 559 14.06 25.03 -19.54
C ASN A 559 13.27 24.21 -20.58
N ARG A 560 12.08 24.70 -20.95
CA ARG A 560 11.19 24.00 -21.88
C ARG A 560 11.82 24.08 -23.26
N PHE A 561 12.30 25.24 -23.67
CA PHE A 561 12.99 25.39 -24.97
C PHE A 561 14.17 24.42 -25.03
N ASN A 562 14.94 24.35 -23.94
CA ASN A 562 16.17 23.53 -23.81
C ASN A 562 15.80 22.06 -24.08
N VAL A 563 14.78 21.56 -23.38
CA VAL A 563 14.29 20.15 -23.52
C VAL A 563 13.81 19.93 -24.96
N ALA A 564 13.13 20.92 -25.52
CA ALA A 564 12.42 20.80 -26.81
C ALA A 564 13.46 20.49 -27.90
N ILE A 565 14.48 21.33 -27.99
CA ILE A 565 15.47 21.26 -29.10
C ILE A 565 16.54 20.18 -28.83
N THR A 566 16.72 19.69 -27.61
CA THR A 566 17.76 18.65 -27.27
C THR A 566 17.18 17.25 -27.43
N ARG A 567 15.98 17.13 -27.99
CA ARG A 567 15.38 15.81 -28.32
C ARG A 567 16.03 15.24 -29.60
N ALA A 568 16.70 16.06 -30.40
CA ALA A 568 17.07 15.75 -31.81
C ALA A 568 18.47 15.12 -31.85
N LYS A 569 18.62 13.96 -32.53
CA LYS A 569 19.93 13.30 -32.79
C LYS A 569 20.59 13.84 -34.07
N VAL A 570 19.80 14.35 -35.02
CA VAL A 570 20.31 14.62 -36.40
C VAL A 570 19.87 15.99 -36.88
N GLY A 571 18.57 16.23 -36.98
CA GLY A 571 18.04 17.50 -37.53
C GLY A 571 16.90 18.06 -36.68
N ILE A 572 16.63 19.36 -36.80
CA ILE A 572 15.48 20.01 -36.12
C ILE A 572 15.01 21.14 -37.01
N LEU A 573 13.69 21.31 -37.11
CA LEU A 573 13.05 22.50 -37.68
C LEU A 573 12.37 23.21 -36.51
N CYS A 574 12.72 24.45 -36.26
CA CYS A 574 12.05 25.29 -35.24
C CYS A 574 11.29 26.39 -35.96
N ILE A 575 9.96 26.35 -35.87
CA ILE A 575 9.07 27.45 -36.33
C ILE A 575 8.82 28.31 -35.09
N MET A 576 9.35 29.54 -35.05
CA MET A 576 9.48 30.31 -33.78
C MET A 576 8.52 31.49 -33.79
N SER A 577 7.88 31.76 -32.66
CA SER A 577 7.05 32.97 -32.46
C SER A 577 7.91 34.08 -31.85
N ASP A 578 8.88 33.71 -31.04
CA ASP A 578 9.61 34.63 -30.12
C ASP A 578 10.93 35.04 -30.78
N ARG A 579 11.09 36.31 -31.10
CA ARG A 579 12.33 36.86 -31.69
C ARG A 579 13.54 36.52 -30.80
N ASP A 580 13.40 36.66 -29.49
CA ASP A 580 14.52 36.42 -28.53
C ASP A 580 15.10 35.01 -28.80
N LEU A 581 14.31 33.98 -28.54
CA LEU A 581 14.77 32.58 -28.67
C LEU A 581 15.14 32.27 -30.14
N TYR A 582 14.45 32.87 -31.12
CA TYR A 582 14.82 32.70 -32.54
C TYR A 582 16.28 33.15 -32.70
N ASP A 583 16.62 34.32 -32.17
CA ASP A 583 17.94 34.96 -32.40
C ASP A 583 19.00 34.15 -31.64
N LYS A 584 18.62 33.44 -30.59
CA LYS A 584 19.55 32.56 -29.84
C LYS A 584 19.72 31.22 -30.55
N LEU A 585 18.86 30.82 -31.49
CA LEU A 585 19.06 29.53 -32.21
C LEU A 585 20.21 29.68 -33.21
N GLN A 586 21.24 28.85 -33.07
CA GLN A 586 22.44 28.82 -33.96
C GLN A 586 22.17 27.85 -35.11
N PHE A 587 21.09 28.12 -35.82
CA PHE A 587 20.47 27.25 -36.85
C PHE A 587 20.42 28.11 -38.11
N THR A 588 20.41 27.46 -39.25
CA THR A 588 20.19 28.07 -40.58
C THR A 588 18.78 28.65 -40.63
N SER A 589 18.66 29.95 -40.94
CA SER A 589 17.36 30.62 -41.17
C SER A 589 16.79 30.20 -42.53
N LEU A 590 15.48 30.04 -42.58
CA LEU A 590 14.69 29.75 -43.80
C LEU A 590 13.64 30.85 -43.93
N GLU A 591 13.42 31.36 -45.15
CA GLU A 591 12.39 32.39 -45.42
C GLU A 591 11.02 31.70 -45.46
N ILE A 592 9.94 32.47 -45.55
CA ILE A 592 8.52 31.97 -45.58
C ILE A 592 8.07 31.89 -47.03
N PRO A 593 7.65 30.71 -47.54
CA PRO A 593 7.13 30.59 -48.91
C PRO A 593 5.83 31.37 -49.15
N ALA B 1 23.85 -13.15 1.30
CA ALA B 1 24.31 -14.50 1.78
C ALA B 1 24.78 -14.46 3.25
N VAL B 2 24.94 -13.28 3.85
CA VAL B 2 25.25 -13.10 5.31
C VAL B 2 23.94 -12.77 6.05
N GLY B 3 23.61 -13.54 7.09
CA GLY B 3 22.37 -13.38 7.87
C GLY B 3 22.49 -13.96 9.28
N ALA B 4 21.41 -13.80 10.05
CA ALA B 4 21.22 -14.41 11.39
C ALA B 4 20.67 -15.83 11.19
N CYS B 5 20.99 -16.75 12.10
CA CYS B 5 20.59 -18.18 12.07
C CYS B 5 19.19 -18.36 12.69
N VAL B 6 18.18 -18.71 11.87
CA VAL B 6 16.73 -18.68 12.24
C VAL B 6 16.47 -19.56 13.49
N LEU B 7 17.47 -20.27 14.03
CA LEU B 7 17.30 -21.13 15.23
C LEU B 7 18.00 -20.52 16.45
N CYS B 8 19.29 -20.16 16.32
CA CYS B 8 20.16 -19.67 17.44
C CYS B 8 20.76 -18.31 17.09
N ASN B 9 20.20 -17.64 16.08
CA ASN B 9 20.41 -16.19 15.79
C ASN B 9 21.80 -15.95 15.15
N SER B 10 22.80 -16.80 15.43
CA SER B 10 24.24 -16.60 15.12
C SER B 10 24.43 -16.14 13.67
N GLN B 11 25.47 -15.33 13.43
CA GLN B 11 25.85 -14.82 12.08
C GLN B 11 26.36 -16.01 11.23
N THR B 12 26.00 -16.08 9.95
CA THR B 12 26.36 -17.20 9.06
C THR B 12 26.33 -16.77 7.58
N SER B 13 27.07 -17.51 6.75
CA SER B 13 27.04 -17.45 5.27
C SER B 13 26.08 -18.51 4.72
N LEU B 14 25.69 -19.49 5.57
CA LEU B 14 25.02 -20.76 5.14
C LEU B 14 23.49 -20.61 5.26
N ARG B 15 22.81 -20.78 4.13
CA ARG B 15 21.34 -21.05 4.06
C ARG B 15 21.16 -22.50 3.56
N CYS B 16 20.05 -23.16 3.95
CA CYS B 16 19.62 -24.46 3.37
C CYS B 16 19.01 -24.20 1.99
N GLY B 17 19.53 -24.83 0.94
CA GLY B 17 19.01 -24.70 -0.44
C GLY B 17 17.88 -25.66 -0.67
N ALA B 18 17.46 -26.38 0.38
CA ALA B 18 16.47 -27.50 0.31
C ALA B 18 15.13 -27.01 0.85
N CYS B 19 15.11 -26.39 2.04
CA CYS B 19 13.95 -25.59 2.54
C CYS B 19 13.42 -24.62 1.47
N ILE B 20 12.10 -24.52 1.30
CA ILE B 20 11.41 -23.59 0.35
C ILE B 20 11.69 -22.12 0.71
N ARG B 21 12.03 -21.82 1.98
CA ARG B 21 12.31 -20.45 2.47
C ARG B 21 13.80 -20.08 2.31
N ARG B 22 14.71 -21.07 2.28
CA ARG B 22 16.18 -20.87 2.23
C ARG B 22 16.61 -20.08 3.47
N PRO B 23 16.31 -20.58 4.67
CA PRO B 23 16.75 -19.95 5.91
C PRO B 23 18.26 -20.04 6.16
N PHE B 24 18.86 -18.92 6.58
CA PHE B 24 20.17 -18.83 7.26
C PHE B 24 20.17 -19.83 8.43
N LEU B 25 21.14 -20.74 8.42
CA LEU B 25 21.42 -21.71 9.51
C LEU B 25 22.89 -21.57 9.88
N CYS B 26 23.22 -21.45 11.17
CA CYS B 26 24.62 -21.32 11.64
C CYS B 26 25.38 -22.58 11.21
N CYS B 27 26.65 -22.72 11.56
CA CYS B 27 27.45 -23.93 11.26
C CYS B 27 26.98 -25.10 12.15
N LYS B 28 26.72 -24.84 13.43
CA LYS B 28 26.30 -25.86 14.45
C LYS B 28 24.94 -26.45 14.07
N CYS B 29 24.00 -25.60 13.64
CA CYS B 29 22.57 -25.92 13.43
C CYS B 29 22.38 -26.44 11.98
N CYS B 30 23.16 -25.94 11.01
CA CYS B 30 23.16 -26.40 9.59
C CYS B 30 23.61 -27.87 9.50
N TYR B 31 24.50 -28.29 10.38
CA TYR B 31 24.91 -29.71 10.48
C TYR B 31 23.67 -30.54 10.81
N ASP B 32 23.03 -30.23 11.93
CA ASP B 32 21.95 -31.04 12.56
C ASP B 32 20.74 -31.12 11.60
N HIS B 33 20.51 -30.10 10.76
CA HIS B 33 19.54 -30.14 9.63
C HIS B 33 19.97 -31.24 8.65
N VAL B 34 21.12 -31.08 7.99
CA VAL B 34 21.53 -31.89 6.81
C VAL B 34 21.71 -33.37 7.18
N ILE B 35 22.06 -33.68 8.42
CA ILE B 35 22.45 -35.07 8.84
C ILE B 35 21.24 -35.88 9.34
N SER B 36 20.06 -35.27 9.54
CA SER B 36 18.83 -35.97 10.02
C SER B 36 17.71 -35.95 8.97
N THR B 37 17.80 -35.08 7.96
CA THR B 37 16.77 -34.87 6.92
C THR B 37 17.34 -35.27 5.54
N SER B 38 16.49 -35.29 4.51
CA SER B 38 16.91 -35.43 3.11
C SER B 38 17.51 -34.11 2.60
N HIS B 39 17.57 -33.07 3.44
CA HIS B 39 18.07 -31.72 3.08
C HIS B 39 19.61 -31.75 3.10
N LYS B 40 20.25 -31.64 1.95
CA LYS B 40 21.73 -31.80 1.81
C LYS B 40 22.36 -30.62 1.07
N LEU B 41 21.59 -29.82 0.30
CA LEU B 41 22.10 -28.62 -0.42
C LEU B 41 22.24 -27.45 0.56
N VAL B 42 23.47 -27.01 0.81
CA VAL B 42 23.80 -25.73 1.52
C VAL B 42 24.21 -24.69 0.48
N LEU B 43 23.76 -23.44 0.67
CA LEU B 43 24.17 -22.27 -0.17
C LEU B 43 24.95 -21.28 0.71
N SER B 44 25.85 -20.51 0.06
CA SER B 44 26.42 -19.22 0.54
C SER B 44 26.58 -18.32 -0.69
N VAL B 45 27.49 -17.32 -0.64
CA VAL B 45 27.94 -16.54 -1.82
C VAL B 45 27.86 -17.49 -3.04
N ASN B 46 28.41 -18.68 -2.84
CA ASN B 46 28.66 -19.73 -3.85
C ASN B 46 28.02 -21.02 -3.34
N PRO B 47 27.29 -21.80 -4.20
CA PRO B 47 26.71 -23.07 -3.75
C PRO B 47 27.78 -24.06 -3.28
N TYR B 48 27.53 -24.76 -2.17
CA TYR B 48 28.32 -25.94 -1.73
C TYR B 48 28.03 -27.11 -2.68
N VAL B 49 28.65 -27.09 -3.86
CA VAL B 49 28.63 -28.16 -4.89
C VAL B 49 30.09 -28.52 -5.20
N CYS B 50 30.35 -29.71 -5.75
CA CYS B 50 31.68 -30.09 -6.29
C CYS B 50 32.01 -29.14 -7.43
N ASN B 51 33.17 -28.46 -7.37
CA ASN B 51 33.55 -27.44 -8.37
C ASN B 51 34.14 -28.12 -9.62
N ALA B 52 34.36 -29.45 -9.62
CA ALA B 52 34.98 -30.17 -10.74
C ALA B 52 34.03 -30.18 -11.95
N PRO B 53 34.50 -29.81 -13.15
CA PRO B 53 33.65 -29.79 -14.33
C PRO B 53 32.78 -31.04 -14.49
N GLY B 54 31.47 -30.84 -14.68
CA GLY B 54 30.50 -31.89 -15.06
C GLY B 54 30.09 -32.77 -13.89
N CYS B 55 30.63 -32.51 -12.71
CA CYS B 55 30.31 -33.26 -11.46
C CYS B 55 28.98 -32.74 -10.90
N ASP B 56 28.21 -33.61 -10.26
CA ASP B 56 26.82 -33.31 -9.86
C ASP B 56 26.62 -33.65 -8.37
N VAL B 57 27.70 -33.78 -7.59
CA VAL B 57 27.63 -34.04 -6.13
C VAL B 57 27.32 -32.72 -5.40
N THR B 58 26.06 -32.53 -4.98
CA THR B 58 25.59 -31.30 -4.27
C THR B 58 25.38 -31.59 -2.78
N ASP B 59 25.58 -32.85 -2.35
CA ASP B 59 25.28 -33.31 -0.97
C ASP B 59 26.46 -32.93 -0.09
N VAL B 60 26.28 -31.92 0.76
CA VAL B 60 27.30 -31.30 1.66
C VAL B 60 28.09 -32.39 2.39
N THR B 61 27.44 -33.52 2.70
CA THR B 61 28.00 -34.64 3.49
C THR B 61 29.04 -35.42 2.67
N GLN B 62 29.03 -35.27 1.34
CA GLN B 62 29.96 -35.98 0.42
C GLN B 62 31.03 -35.02 -0.09
N LEU B 63 31.12 -33.81 0.47
CA LEU B 63 31.89 -32.67 -0.10
C LEU B 63 33.03 -32.27 0.84
N TYR B 64 34.01 -31.53 0.29
CA TYR B 64 35.30 -31.20 0.95
C TYR B 64 35.73 -29.78 0.55
N LEU B 65 36.45 -29.12 1.46
CA LEU B 65 37.16 -27.85 1.18
C LEU B 65 38.57 -28.21 0.71
N GLY B 66 38.89 -27.83 -0.54
CA GLY B 66 40.22 -27.94 -1.16
C GLY B 66 40.60 -26.60 -1.74
N GLY B 67 41.59 -25.93 -1.15
CA GLY B 67 41.80 -24.48 -1.32
C GLY B 67 40.62 -23.69 -0.77
N MET B 68 40.15 -22.70 -1.54
CA MET B 68 38.94 -21.89 -1.21
C MET B 68 37.68 -22.62 -1.69
N SER B 69 37.87 -23.75 -2.40
CA SER B 69 36.84 -24.43 -3.24
C SER B 69 36.38 -25.76 -2.66
N TYR B 70 35.32 -26.33 -3.24
CA TYR B 70 34.61 -27.52 -2.71
C TYR B 70 34.64 -28.60 -3.79
N TYR B 71 34.89 -29.83 -3.38
CA TYR B 71 35.00 -31.03 -4.25
C TYR B 71 34.42 -32.25 -3.53
N CYS B 72 33.94 -33.23 -4.30
CA CYS B 72 33.55 -34.59 -3.81
C CYS B 72 34.81 -35.46 -3.61
N LYS B 73 34.61 -36.68 -3.07
CA LYS B 73 35.69 -37.65 -2.77
C LYS B 73 36.52 -37.94 -4.03
N SER B 74 35.86 -38.03 -5.20
CA SER B 74 36.45 -38.39 -6.53
C SER B 74 37.31 -37.27 -7.10
N HIS B 75 37.22 -36.04 -6.56
CA HIS B 75 37.72 -34.79 -7.20
C HIS B 75 38.57 -33.96 -6.23
N LYS B 76 38.51 -34.20 -4.91
CA LYS B 76 39.21 -33.37 -3.89
C LYS B 76 40.71 -33.59 -4.03
N PRO B 77 41.55 -32.61 -3.64
CA PRO B 77 42.99 -32.81 -3.61
C PRO B 77 43.38 -33.48 -2.30
N PRO B 78 44.64 -33.98 -2.18
CA PRO B 78 45.11 -34.61 -0.95
C PRO B 78 44.88 -33.74 0.30
N ILE B 79 45.11 -32.42 0.23
CA ILE B 79 44.95 -31.53 1.42
C ILE B 79 43.53 -30.94 1.35
N SER B 80 42.57 -31.64 1.96
CA SER B 80 41.16 -31.19 2.04
C SER B 80 40.47 -31.72 3.31
N PHE B 81 39.67 -30.84 3.92
CA PHE B 81 38.75 -31.07 5.07
C PHE B 81 37.38 -31.47 4.53
N PRO B 82 36.66 -32.44 5.16
CA PRO B 82 35.24 -32.66 4.86
C PRO B 82 34.39 -31.46 5.33
N LEU B 83 33.47 -30.97 4.50
CA LEU B 83 32.64 -29.77 4.84
C LEU B 83 31.81 -30.04 6.09
N CYS B 84 31.38 -31.30 6.30
CA CYS B 84 30.64 -31.77 7.51
C CYS B 84 31.58 -32.55 8.42
N ALA B 85 32.01 -31.91 9.51
CA ALA B 85 32.94 -32.48 10.52
C ALA B 85 32.49 -32.01 11.90
N ASN B 86 32.83 -32.77 12.96
CA ASN B 86 32.63 -32.38 14.38
C ASN B 86 31.33 -31.57 14.52
N GLY B 87 30.20 -32.16 14.13
CA GLY B 87 28.86 -31.59 14.34
C GLY B 87 28.70 -30.21 13.73
N GLN B 88 29.50 -29.87 12.71
CA GLN B 88 29.42 -28.54 12.03
C GLN B 88 29.59 -28.70 10.51
N VAL B 89 29.16 -27.66 9.80
CA VAL B 89 29.29 -27.47 8.32
C VAL B 89 30.05 -26.16 8.13
N PHE B 90 31.22 -26.24 7.49
CA PHE B 90 32.19 -25.14 7.32
C PHE B 90 31.52 -23.92 6.67
N GLY B 91 31.49 -22.79 7.38
CA GLY B 91 31.16 -21.45 6.85
C GLY B 91 31.96 -20.39 7.56
N LEU B 92 31.54 -19.12 7.46
CA LEU B 92 32.16 -17.99 8.20
C LEU B 92 31.65 -18.00 9.64
N TYR B 93 32.34 -17.31 10.55
CA TYR B 93 31.93 -17.03 11.95
C TYR B 93 31.87 -18.34 12.77
N LYS B 94 32.42 -19.44 12.24
CA LYS B 94 32.40 -20.81 12.84
C LYS B 94 33.08 -20.78 14.22
N VAL B 103 16.36 -28.43 17.24
CA VAL B 103 16.52 -28.47 15.75
C VAL B 103 15.72 -29.65 15.17
N THR B 104 15.53 -30.74 15.93
CA THR B 104 14.45 -31.75 15.69
C THR B 104 13.19 -31.01 15.18
N ASP B 105 12.60 -30.16 16.04
CA ASP B 105 11.39 -29.37 15.72
C ASP B 105 11.61 -28.65 14.39
N PHE B 106 12.73 -27.94 14.25
CA PHE B 106 13.10 -27.24 12.99
C PHE B 106 13.07 -28.23 11.82
N ASN B 107 13.61 -29.44 12.02
CA ASN B 107 13.72 -30.50 10.97
C ASN B 107 12.33 -30.97 10.58
N ALA B 108 11.52 -31.34 11.58
CA ALA B 108 10.12 -31.76 11.42
C ALA B 108 9.37 -30.68 10.63
N ILE B 109 9.53 -29.40 10.99
CA ILE B 109 8.84 -28.25 10.34
C ILE B 109 9.35 -28.09 8.91
N ALA B 110 10.67 -28.14 8.70
CA ALA B 110 11.33 -27.85 7.40
C ALA B 110 10.89 -28.83 6.31
N THR B 111 10.63 -30.09 6.69
CA THR B 111 10.39 -31.26 5.78
C THR B 111 8.92 -31.71 5.72
N CYS B 112 8.02 -31.20 6.57
CA CYS B 112 6.60 -31.67 6.58
C CYS B 112 5.86 -31.06 5.39
N ASP B 113 4.73 -31.65 5.00
CA ASP B 113 3.92 -31.18 3.85
C ASP B 113 2.67 -30.45 4.36
N TRP B 114 2.49 -30.39 5.68
CA TRP B 114 1.43 -29.57 6.33
C TRP B 114 0.05 -30.17 6.06
N THR B 115 -0.03 -31.50 5.88
CA THR B 115 -1.28 -32.24 5.60
C THR B 115 -1.81 -32.83 6.91
N ASN B 116 -0.98 -32.82 7.94
CA ASN B 116 -1.20 -33.53 9.23
C ASN B 116 -1.38 -32.47 10.31
N ALA B 117 -2.38 -32.65 11.18
CA ALA B 117 -2.63 -31.76 12.35
C ALA B 117 -1.34 -31.60 13.17
N GLY B 118 -0.63 -32.70 13.41
CA GLY B 118 0.63 -32.75 14.19
C GLY B 118 1.68 -31.75 13.70
N ASP B 119 1.57 -31.31 12.45
CA ASP B 119 2.44 -30.28 11.84
C ASP B 119 2.07 -28.88 12.38
N TYR B 120 0.75 -28.62 12.54
CA TYR B 120 0.23 -27.33 13.05
C TYR B 120 0.49 -27.30 14.56
N ILE B 121 0.42 -28.45 15.22
CA ILE B 121 0.64 -28.54 16.68
C ILE B 121 2.07 -28.07 16.95
N LEU B 122 3.03 -28.70 16.29
CA LEU B 122 4.48 -28.40 16.40
C LEU B 122 4.76 -26.94 15.98
N ALA B 123 4.05 -26.38 14.99
CA ALA B 123 4.23 -24.98 14.55
C ALA B 123 3.78 -23.99 15.64
N ASN B 124 3.31 -24.51 16.78
CA ASN B 124 2.60 -23.74 17.84
C ASN B 124 3.09 -24.14 19.24
N THR B 125 3.71 -25.31 19.41
CA THR B 125 4.36 -25.71 20.67
C THR B 125 5.85 -25.38 20.60
N CYS B 126 6.31 -24.83 19.47
CA CYS B 126 7.75 -24.64 19.20
C CYS B 126 8.19 -23.30 19.82
N THR B 127 9.43 -22.91 19.54
CA THR B 127 10.01 -21.61 19.94
C THR B 127 9.51 -20.54 18.96
N GLU B 128 9.68 -19.27 19.33
CA GLU B 128 9.07 -18.09 18.65
C GLU B 128 9.66 -17.87 17.26
N ARG B 129 10.99 -17.97 17.12
CA ARG B 129 11.65 -17.78 15.80
C ARG B 129 11.17 -18.89 14.86
N LEU B 130 10.95 -20.10 15.39
CA LEU B 130 10.46 -21.28 14.61
C LEU B 130 9.00 -21.10 14.19
N LYS B 131 8.19 -20.43 15.01
CA LYS B 131 6.76 -20.16 14.71
C LYS B 131 6.71 -19.27 13.46
N LEU B 132 7.67 -18.35 13.30
CA LEU B 132 7.72 -17.49 12.09
C LEU B 132 8.17 -18.35 10.91
N PHE B 133 9.19 -19.21 11.11
CA PHE B 133 9.74 -20.08 10.03
C PHE B 133 8.63 -21.05 9.57
N ALA B 134 7.98 -21.70 10.53
CA ALA B 134 6.80 -22.57 10.34
C ALA B 134 5.74 -21.83 9.50
N ALA B 135 5.31 -20.62 9.91
CA ALA B 135 4.23 -19.83 9.28
C ALA B 135 4.62 -19.40 7.87
N GLU B 136 5.88 -19.04 7.68
CA GLU B 136 6.43 -18.59 6.37
C GLU B 136 6.43 -19.81 5.44
N THR B 137 6.97 -20.93 5.94
CA THR B 137 7.02 -22.22 5.21
C THR B 137 5.60 -22.67 4.81
N LEU B 138 4.68 -22.69 5.79
CA LEU B 138 3.28 -23.14 5.60
C LEU B 138 2.68 -22.33 4.46
N LYS B 139 2.74 -21.00 4.55
CA LYS B 139 2.07 -20.07 3.60
C LYS B 139 2.75 -20.22 2.24
N ALA B 140 4.07 -20.46 2.23
CA ALA B 140 4.85 -20.78 1.02
C ALA B 140 4.24 -22.03 0.37
N THR B 141 4.12 -23.10 1.16
CA THR B 141 3.58 -24.41 0.71
C THR B 141 2.13 -24.22 0.24
N GLU B 142 1.32 -23.49 1.03
CA GLU B 142 -0.11 -23.23 0.73
C GLU B 142 -0.23 -22.57 -0.65
N GLU B 143 0.68 -21.64 -0.97
CA GLU B 143 0.59 -20.76 -2.18
C GLU B 143 1.10 -21.52 -3.41
N THR B 144 2.26 -22.18 -3.27
CA THR B 144 2.93 -22.95 -4.35
C THR B 144 2.10 -24.20 -4.69
N PHE B 145 1.10 -24.54 -3.87
CA PHE B 145 0.12 -25.63 -4.14
C PHE B 145 -1.07 -25.10 -4.97
N LYS B 146 -1.38 -23.80 -4.90
CA LYS B 146 -2.46 -23.20 -5.71
C LYS B 146 -2.09 -23.39 -7.20
N LEU B 147 -0.83 -23.16 -7.54
CA LEU B 147 -0.24 -23.40 -8.89
C LEU B 147 -0.67 -24.77 -9.42
N SER B 148 -1.04 -25.71 -8.54
CA SER B 148 -1.27 -27.15 -8.83
C SER B 148 -2.76 -27.48 -9.02
N TYR B 149 -3.57 -26.53 -9.50
CA TYR B 149 -5.01 -26.72 -9.84
C TYR B 149 -5.21 -26.52 -11.35
N GLY B 150 -6.46 -26.72 -11.83
CA GLY B 150 -6.82 -26.65 -13.27
C GLY B 150 -7.46 -25.34 -13.64
N ILE B 151 -6.85 -24.58 -14.58
CA ILE B 151 -7.38 -23.31 -15.15
C ILE B 151 -8.77 -23.59 -15.72
N ALA B 152 -9.73 -22.70 -15.47
CA ALA B 152 -11.14 -22.78 -15.95
C ALA B 152 -11.42 -21.65 -16.93
N THR B 153 -11.79 -21.98 -18.17
CA THR B 153 -12.19 -21.00 -19.23
C THR B 153 -13.69 -21.18 -19.51
N VAL B 154 -14.41 -20.08 -19.75
CA VAL B 154 -15.88 -20.02 -19.97
C VAL B 154 -16.19 -20.49 -21.40
N ARG B 155 -16.68 -21.72 -21.55
CA ARG B 155 -17.06 -22.33 -22.85
C ARG B 155 -18.23 -21.56 -23.46
N GLU B 156 -19.13 -21.02 -22.62
CA GLU B 156 -20.25 -20.13 -23.05
C GLU B 156 -20.87 -19.41 -21.83
N VAL B 157 -21.27 -18.15 -22.01
CA VAL B 157 -22.04 -17.33 -21.02
C VAL B 157 -23.51 -17.76 -21.11
N LEU B 158 -24.27 -17.66 -20.00
CA LEU B 158 -25.71 -17.98 -19.96
C LEU B 158 -26.53 -16.72 -19.61
N SER B 159 -26.30 -16.14 -18.43
CA SER B 159 -27.04 -14.97 -17.89
C SER B 159 -26.08 -13.99 -17.20
N ASP B 160 -26.62 -13.10 -16.37
CA ASP B 160 -25.87 -12.06 -15.62
C ASP B 160 -25.40 -12.61 -14.27
N ARG B 161 -25.57 -13.92 -14.02
CA ARG B 161 -25.10 -14.58 -12.77
C ARG B 161 -24.86 -16.08 -12.94
N GLU B 162 -24.89 -16.64 -14.17
CA GLU B 162 -24.62 -18.09 -14.43
C GLU B 162 -23.91 -18.26 -15.78
N LEU B 163 -23.07 -19.30 -15.91
CA LEU B 163 -22.31 -19.62 -17.14
C LEU B 163 -21.91 -21.10 -17.14
N HIS B 164 -21.23 -21.56 -18.21
CA HIS B 164 -20.73 -22.95 -18.39
C HIS B 164 -19.20 -22.96 -18.43
N LEU B 165 -18.55 -23.58 -17.43
CA LEU B 165 -17.08 -23.63 -17.26
C LEU B 165 -16.50 -24.89 -17.93
N SER B 166 -15.30 -24.76 -18.54
CA SER B 166 -14.46 -25.85 -19.11
C SER B 166 -13.12 -25.89 -18.37
N TRP B 167 -12.83 -27.01 -17.68
CA TRP B 167 -11.66 -27.22 -16.77
C TRP B 167 -10.48 -27.85 -17.53
N GLU B 168 -9.25 -27.52 -17.13
CA GLU B 168 -8.01 -28.07 -17.75
C GLU B 168 -7.94 -29.57 -17.46
N VAL B 169 -7.53 -30.34 -18.47
CA VAL B 169 -7.33 -31.83 -18.42
C VAL B 169 -6.14 -32.13 -17.49
N GLY B 170 -6.19 -33.27 -16.79
CA GLY B 170 -5.05 -33.90 -16.08
C GLY B 170 -4.57 -33.15 -14.85
N LYS B 171 -5.34 -32.17 -14.36
CA LYS B 171 -5.09 -31.44 -13.08
C LYS B 171 -6.37 -31.48 -12.25
N PRO B 172 -6.28 -31.32 -10.91
CA PRO B 172 -7.46 -31.35 -10.06
C PRO B 172 -8.32 -30.07 -10.22
N ARG B 173 -9.57 -30.12 -9.74
CA ARG B 173 -10.54 -28.98 -9.73
C ARG B 173 -10.66 -28.46 -8.31
N PRO B 174 -10.53 -27.13 -8.07
CA PRO B 174 -10.82 -26.57 -6.74
C PRO B 174 -12.32 -26.67 -6.44
N PRO B 175 -12.71 -26.80 -5.16
CA PRO B 175 -14.13 -26.86 -4.80
C PRO B 175 -14.76 -25.48 -5.01
N LEU B 176 -15.87 -25.42 -5.79
CA LEU B 176 -16.54 -24.16 -6.18
C LEU B 176 -17.48 -23.70 -5.05
N ASN B 177 -17.00 -22.77 -4.22
CA ASN B 177 -17.73 -22.20 -3.05
C ASN B 177 -17.38 -20.71 -2.93
N ARG B 178 -17.73 -20.06 -1.81
CA ARG B 178 -17.37 -18.65 -1.51
C ARG B 178 -16.10 -18.60 -0.64
N ASN B 179 -15.22 -19.60 -0.78
CA ASN B 179 -13.90 -19.70 -0.08
C ASN B 179 -12.76 -19.46 -1.09
N TYR B 180 -12.88 -20.00 -2.31
CA TYR B 180 -11.84 -19.96 -3.37
C TYR B 180 -12.15 -18.84 -4.36
N VAL B 181 -11.41 -17.73 -4.27
CA VAL B 181 -11.59 -16.54 -5.15
C VAL B 181 -10.59 -16.66 -6.31
N PHE B 182 -11.13 -16.70 -7.54
CA PHE B 182 -10.35 -16.77 -8.81
C PHE B 182 -10.17 -15.35 -9.36
N THR B 183 -9.15 -15.15 -10.18
CA THR B 183 -8.89 -13.90 -10.95
C THR B 183 -9.19 -14.18 -12.43
N GLY B 184 -9.94 -13.28 -13.07
CA GLY B 184 -10.32 -13.37 -14.50
C GLY B 184 -9.32 -12.62 -15.38
N TYR B 185 -9.12 -13.11 -16.61
CA TYR B 185 -8.14 -12.58 -17.60
C TYR B 185 -8.72 -12.72 -19.01
N GLN B 194 -7.06 -8.51 -16.36
CA GLN B 194 -7.21 -8.85 -14.92
C GLN B 194 -8.65 -8.53 -14.48
N ILE B 195 -9.66 -8.99 -15.26
CA ILE B 195 -11.07 -8.49 -15.27
C ILE B 195 -11.74 -8.70 -13.90
N GLY B 196 -11.07 -8.27 -12.83
CA GLY B 196 -11.53 -8.43 -11.44
C GLY B 196 -11.62 -9.89 -11.03
N GLU B 197 -11.72 -10.14 -9.72
CA GLU B 197 -11.83 -11.49 -9.11
C GLU B 197 -13.26 -12.02 -9.33
N TYR B 198 -13.49 -13.31 -9.11
CA TYR B 198 -14.79 -14.00 -9.27
C TYR B 198 -14.87 -15.23 -8.35
N THR B 199 -16.04 -15.49 -7.74
CA THR B 199 -16.39 -16.76 -7.05
C THR B 199 -17.48 -17.49 -7.85
N PHE B 200 -17.60 -18.80 -7.62
CA PHE B 200 -18.48 -19.76 -8.35
C PHE B 200 -19.26 -20.63 -7.34
N GLU B 201 -20.53 -20.94 -7.63
CA GLU B 201 -21.37 -21.92 -6.87
C GLU B 201 -22.30 -22.67 -7.84
N LYS B 202 -22.54 -23.96 -7.58
CA LYS B 202 -23.30 -24.89 -8.46
C LYS B 202 -24.77 -24.44 -8.52
N ASP B 207 -24.30 -28.71 -15.77
CA ASP B 207 -23.00 -28.04 -16.01
C ASP B 207 -23.01 -26.63 -15.38
N ALA B 208 -24.14 -25.92 -15.45
CA ALA B 208 -24.31 -24.49 -15.06
C ALA B 208 -23.67 -24.20 -13.69
N VAL B 209 -22.97 -23.06 -13.59
CA VAL B 209 -22.31 -22.54 -12.36
C VAL B 209 -22.76 -21.09 -12.15
N VAL B 210 -22.94 -20.66 -10.89
CA VAL B 210 -23.37 -19.28 -10.48
C VAL B 210 -22.12 -18.43 -10.20
N TYR B 211 -21.83 -17.45 -11.06
CA TYR B 211 -20.64 -16.56 -10.98
C TYR B 211 -21.03 -15.26 -10.26
N ARG B 212 -20.12 -14.73 -9.43
CA ARG B 212 -20.30 -13.45 -8.69
C ARG B 212 -19.09 -12.54 -8.92
N GLY B 213 -19.16 -11.71 -9.96
CA GLY B 213 -18.09 -10.75 -10.33
C GLY B 213 -18.04 -9.59 -9.35
N THR B 214 -16.87 -9.37 -8.74
CA THR B 214 -16.55 -8.15 -7.95
C THR B 214 -16.76 -6.93 -8.86
N THR B 215 -16.25 -7.01 -10.10
CA THR B 215 -16.50 -6.04 -11.20
C THR B 215 -17.63 -6.56 -12.10
N THR B 216 -18.74 -5.83 -12.19
CA THR B 216 -19.80 -6.04 -13.22
C THR B 216 -19.15 -5.86 -14.60
N TYR B 217 -18.99 -6.93 -15.38
CA TYR B 217 -18.29 -6.92 -16.69
C TYR B 217 -18.89 -7.95 -17.64
N LYS B 218 -19.24 -7.52 -18.86
CA LYS B 218 -19.73 -8.36 -19.98
C LYS B 218 -18.63 -9.36 -20.34
N LEU B 219 -18.45 -10.39 -19.50
CA LEU B 219 -17.35 -11.38 -19.56
C LEU B 219 -17.50 -12.27 -20.80
N ASN B 220 -16.52 -12.22 -21.71
CA ASN B 220 -16.57 -12.85 -23.06
C ASN B 220 -16.40 -14.37 -22.92
N VAL B 221 -16.41 -15.08 -24.05
CA VAL B 221 -15.98 -16.51 -24.21
C VAL B 221 -14.52 -16.50 -24.64
N GLY B 222 -13.65 -17.22 -23.91
CA GLY B 222 -12.19 -17.20 -24.10
C GLY B 222 -11.49 -16.53 -22.94
N ASP B 223 -12.24 -15.77 -22.13
CA ASP B 223 -11.80 -15.27 -20.80
C ASP B 223 -11.62 -16.49 -19.88
N TYR B 224 -10.46 -16.59 -19.21
CA TYR B 224 -10.10 -17.73 -18.32
C TYR B 224 -9.85 -17.21 -16.89
N PHE B 225 -10.30 -17.98 -15.90
CA PHE B 225 -10.17 -17.68 -14.44
C PHE B 225 -9.04 -18.54 -13.84
N VAL B 226 -8.31 -18.00 -12.86
CA VAL B 226 -7.15 -18.65 -12.18
C VAL B 226 -7.15 -18.21 -10.71
N LEU B 227 -6.57 -19.02 -9.81
CA LEU B 227 -6.51 -18.73 -8.35
C LEU B 227 -5.29 -17.86 -8.03
N THR B 228 -5.55 -16.67 -7.46
CA THR B 228 -4.55 -15.60 -7.15
C THR B 228 -3.47 -16.14 -6.20
N SER B 229 -2.33 -16.55 -6.77
CA SER B 229 -1.14 -17.08 -6.03
C SER B 229 -0.23 -15.93 -5.59
N HIS B 230 -0.50 -15.31 -4.43
CA HIS B 230 0.30 -14.20 -3.85
C HIS B 230 1.65 -14.74 -3.38
N THR B 231 2.75 -14.11 -3.83
CA THR B 231 4.13 -14.36 -3.33
C THR B 231 4.17 -14.10 -1.82
N VAL B 232 4.82 -14.99 -1.08
CA VAL B 232 4.88 -14.99 0.41
C VAL B 232 6.08 -14.15 0.87
N MET B 233 5.81 -12.95 1.38
CA MET B 233 6.83 -12.04 1.97
C MET B 233 7.41 -12.70 3.22
N PRO B 234 8.71 -12.52 3.53
CA PRO B 234 9.24 -12.97 4.82
C PRO B 234 8.61 -12.22 5.99
N LEU B 235 8.63 -12.86 7.17
CA LEU B 235 8.17 -12.30 8.47
C LEU B 235 9.40 -11.91 9.28
N SER B 236 9.31 -10.83 10.05
CA SER B 236 10.40 -10.28 10.92
C SER B 236 9.96 -10.29 12.39
N ALA B 237 8.76 -9.75 12.66
CA ALA B 237 8.24 -9.49 14.01
C ALA B 237 7.72 -10.79 14.60
N PRO B 238 7.72 -10.92 15.95
CA PRO B 238 7.21 -12.13 16.59
C PRO B 238 5.66 -12.20 16.46
N THR B 239 5.07 -13.35 16.79
CA THR B 239 3.58 -13.54 16.83
C THR B 239 3.01 -12.59 17.88
N LEU B 240 3.56 -12.70 19.09
CA LEU B 240 3.35 -11.85 20.29
C LEU B 240 4.68 -11.18 20.66
N VAL B 241 4.70 -9.86 20.85
CA VAL B 241 5.82 -9.17 21.56
C VAL B 241 5.96 -9.79 22.95
N PRO B 242 7.13 -9.75 23.61
CA PRO B 242 7.27 -10.37 24.93
C PRO B 242 6.33 -9.60 25.88
N GLN B 243 5.86 -10.24 26.96
CA GLN B 243 4.86 -9.63 27.89
C GLN B 243 5.58 -8.59 28.76
N GLU B 244 4.96 -7.43 28.96
CA GLU B 244 5.38 -6.43 29.98
C GLU B 244 4.20 -6.15 30.91
N HIS B 245 4.45 -6.26 32.23
CA HIS B 245 3.50 -5.92 33.32
C HIS B 245 3.98 -4.66 34.06
N TYR B 246 3.09 -3.69 34.22
CA TYR B 246 3.33 -2.40 34.92
C TYR B 246 2.47 -2.38 36.19
N VAL B 247 2.95 -1.66 37.21
CA VAL B 247 2.24 -1.45 38.51
C VAL B 247 1.11 -0.46 38.28
N ARG B 248 1.20 0.33 37.21
CA ARG B 248 0.36 1.51 36.92
C ARG B 248 0.03 1.59 35.43
N ILE B 249 -1.11 2.19 35.09
CA ILE B 249 -1.59 2.41 33.69
C ILE B 249 -0.50 3.20 32.97
N THR B 250 -0.09 2.73 31.80
CA THR B 250 1.14 3.18 31.10
C THR B 250 0.75 3.75 29.73
N GLY B 251 1.12 5.00 29.46
CA GLY B 251 1.00 5.64 28.14
C GLY B 251 -0.43 5.95 27.73
N LEU B 252 -1.39 5.76 28.64
CA LEU B 252 -2.83 6.01 28.37
C LEU B 252 -3.38 6.82 29.54
N TYR B 253 -4.41 7.65 29.30
CA TYR B 253 -5.02 8.57 30.30
C TYR B 253 -6.52 8.29 30.42
N PRO B 254 -6.97 7.64 31.51
CA PRO B 254 -8.39 7.32 31.70
C PRO B 254 -9.31 8.54 31.88
N THR B 255 -10.57 8.45 31.44
CA THR B 255 -11.68 9.36 31.85
C THR B 255 -12.09 9.04 33.29
N LEU B 256 -12.83 9.96 33.93
CA LEU B 256 -13.47 9.78 35.26
C LEU B 256 -14.98 9.98 35.10
N ASN B 257 -15.48 9.87 33.87
CA ASN B 257 -16.86 10.24 33.45
C ASN B 257 -17.35 9.25 32.39
N ILE B 258 -16.94 7.98 32.51
CA ILE B 258 -17.27 6.90 31.52
C ILE B 258 -18.74 6.49 31.72
N SER B 259 -19.55 6.60 30.67
CA SER B 259 -21.00 6.28 30.68
C SER B 259 -21.18 4.89 31.30
N ASP B 260 -22.13 4.77 32.24
CA ASP B 260 -22.53 3.53 32.97
C ASP B 260 -22.51 2.33 32.04
N GLU B 261 -22.93 2.52 30.79
CA GLU B 261 -22.97 1.49 29.71
C GLU B 261 -21.71 0.63 29.71
N PHE B 262 -20.55 1.19 30.08
CA PHE B 262 -19.20 0.57 29.97
C PHE B 262 -18.60 0.33 31.37
N SER B 263 -19.37 0.54 32.45
CA SER B 263 -19.01 0.34 33.88
C SER B 263 -18.31 -1.01 34.14
N SER B 264 -18.92 -2.11 33.69
CA SER B 264 -18.51 -3.51 33.98
C SER B 264 -17.09 -3.78 33.46
N ASN B 265 -16.68 -3.05 32.41
CA ASN B 265 -15.39 -3.23 31.69
C ASN B 265 -14.28 -2.35 32.24
N VAL B 266 -14.51 -1.52 33.26
CA VAL B 266 -13.48 -0.54 33.73
C VAL B 266 -12.25 -1.30 34.24
N ALA B 267 -12.43 -2.31 35.09
CA ALA B 267 -11.30 -3.04 35.73
C ALA B 267 -10.49 -3.79 34.65
N ASN B 268 -11.16 -4.29 33.59
CA ASN B 268 -10.48 -4.93 32.42
C ASN B 268 -9.76 -3.85 31.59
N TYR B 269 -10.39 -2.69 31.45
CA TYR B 269 -9.83 -1.50 30.76
C TYR B 269 -8.55 -1.03 31.47
N GLN B 270 -8.47 -1.23 32.80
CA GLN B 270 -7.27 -0.89 33.62
C GLN B 270 -6.21 -1.96 33.38
N LYS B 271 -6.60 -3.24 33.34
CA LYS B 271 -5.66 -4.36 33.05
C LYS B 271 -5.02 -4.12 31.67
N VAL B 272 -5.81 -3.73 30.65
CA VAL B 272 -5.31 -3.42 29.26
C VAL B 272 -4.21 -2.36 29.33
N GLY B 273 -4.37 -1.34 30.17
CA GLY B 273 -3.41 -0.24 30.36
C GLY B 273 -2.18 -0.65 31.14
N MET B 274 -2.29 -1.71 31.97
CA MET B 274 -1.26 -2.11 32.96
C MET B 274 -0.48 -3.34 32.49
N GLN B 275 -0.57 -3.68 31.19
CA GLN B 275 0.19 -4.77 30.51
C GLN B 275 0.44 -4.40 29.04
N LYS B 276 1.42 -5.03 28.39
CA LYS B 276 1.76 -4.78 26.97
C LYS B 276 0.63 -5.34 26.08
N TYR B 277 0.38 -6.63 26.17
CA TYR B 277 -0.69 -7.30 25.40
C TYR B 277 -1.67 -7.89 26.40
N SER B 278 -2.95 -7.92 26.05
CA SER B 278 -4.00 -8.59 26.85
C SER B 278 -4.87 -9.48 25.94
N THR B 279 -5.34 -10.60 26.50
CA THR B 279 -6.26 -11.58 25.83
C THR B 279 -7.67 -11.49 26.44
N LEU B 280 -8.65 -11.28 25.56
CA LEU B 280 -10.09 -11.32 25.93
C LEU B 280 -10.77 -12.52 25.26
N GLN B 281 -11.12 -13.55 26.04
CA GLN B 281 -12.06 -14.59 25.56
C GLN B 281 -13.48 -14.09 25.78
N GLY B 282 -14.18 -13.80 24.69
CA GLY B 282 -15.61 -13.41 24.71
C GLY B 282 -16.48 -14.38 23.93
N PRO B 283 -17.14 -15.35 24.62
CA PRO B 283 -18.15 -16.20 23.99
C PRO B 283 -19.17 -15.36 23.25
N PRO B 284 -19.97 -15.98 22.37
CA PRO B 284 -20.89 -15.22 21.53
C PRO B 284 -21.83 -14.35 22.39
N GLY B 285 -22.05 -13.12 21.96
CA GLY B 285 -23.10 -12.22 22.49
C GLY B 285 -22.73 -11.68 23.87
N THR B 286 -21.44 -11.75 24.25
CA THR B 286 -20.94 -11.36 25.60
C THR B 286 -20.37 -9.93 25.58
N GLY B 287 -20.34 -9.28 24.42
CA GLY B 287 -20.03 -7.84 24.30
C GLY B 287 -18.58 -7.59 23.91
N LYS B 288 -18.02 -8.37 22.98
CA LYS B 288 -16.65 -8.11 22.45
C LYS B 288 -16.65 -6.76 21.72
N SER B 289 -17.56 -6.56 20.78
CA SER B 289 -17.63 -5.30 19.99
C SER B 289 -17.75 -4.14 20.99
N HIS B 290 -18.68 -4.28 21.95
CA HIS B 290 -18.97 -3.30 23.02
C HIS B 290 -17.68 -2.96 23.77
N PHE B 291 -16.96 -3.98 24.21
CA PHE B 291 -15.68 -3.85 24.95
C PHE B 291 -14.65 -3.10 24.09
N ALA B 292 -14.54 -3.46 22.81
CA ALA B 292 -13.53 -2.90 21.88
C ALA B 292 -13.73 -1.38 21.72
N ILE B 293 -14.96 -0.96 21.43
CA ILE B 293 -15.33 0.47 21.22
C ILE B 293 -15.30 1.17 22.59
N GLY B 294 -15.80 0.54 23.64
CA GLY B 294 -15.76 1.02 25.03
C GLY B 294 -14.35 1.37 25.48
N LEU B 295 -13.33 0.77 24.88
CA LEU B 295 -11.90 0.99 25.26
C LEU B 295 -11.51 2.44 24.92
N ALA B 296 -11.97 2.91 23.76
CA ALA B 296 -11.67 4.21 23.15
C ALA B 296 -12.28 5.33 24.01
N LEU B 297 -13.49 5.12 24.55
CA LEU B 297 -14.23 6.05 25.46
C LEU B 297 -13.53 6.10 26.82
N TYR B 298 -12.96 5.00 27.29
CA TYR B 298 -12.22 4.97 28.59
C TYR B 298 -10.85 5.63 28.43
N TYR B 299 -10.18 5.45 27.28
CA TYR B 299 -8.92 6.16 26.93
C TYR B 299 -9.19 7.13 25.77
N PRO B 300 -9.98 8.20 26.03
CA PRO B 300 -10.60 8.98 24.97
C PRO B 300 -9.64 9.76 24.03
N SER B 301 -8.38 9.94 24.42
CA SER B 301 -7.35 10.63 23.59
C SER B 301 -6.54 9.59 22.81
N ALA B 302 -6.54 8.32 23.23
CA ALA B 302 -5.68 7.27 22.65
C ALA B 302 -6.05 7.05 21.17
N ARG B 303 -5.02 6.95 20.33
CA ARG B 303 -5.11 6.56 18.89
C ARG B 303 -5.27 5.04 18.85
N ILE B 304 -6.35 4.55 18.25
CA ILE B 304 -6.63 3.09 18.24
C ILE B 304 -6.73 2.63 16.78
N VAL B 305 -5.96 1.60 16.46
CA VAL B 305 -6.06 0.84 15.19
C VAL B 305 -6.85 -0.44 15.48
N TYR B 306 -8.01 -0.53 14.85
CA TYR B 306 -8.97 -1.65 14.93
C TYR B 306 -8.72 -2.55 13.72
N THR B 307 -8.27 -3.77 13.95
CA THR B 307 -7.89 -4.71 12.86
C THR B 307 -8.46 -6.11 13.15
N ALA B 308 -8.88 -6.80 12.08
CA ALA B 308 -9.13 -8.26 12.02
C ALA B 308 -8.61 -8.82 10.68
N CYS B 309 -8.69 -10.12 10.43
CA CYS B 309 -8.31 -10.71 9.11
C CYS B 309 -9.33 -10.32 8.02
N SER B 310 -10.63 -10.35 8.33
CA SER B 310 -11.72 -10.23 7.31
C SER B 310 -12.32 -8.82 7.26
N HIS B 311 -12.83 -8.44 6.09
CA HIS B 311 -13.59 -7.18 5.87
C HIS B 311 -14.88 -7.17 6.71
N ALA B 312 -15.47 -8.35 6.96
CA ALA B 312 -16.71 -8.50 7.76
C ALA B 312 -16.45 -8.10 9.22
N ALA B 313 -15.39 -8.62 9.84
CA ALA B 313 -15.04 -8.37 11.25
C ALA B 313 -14.71 -6.88 11.46
N VAL B 314 -13.94 -6.29 10.54
CA VAL B 314 -13.56 -4.83 10.57
C VAL B 314 -14.84 -4.00 10.46
N ASP B 315 -15.69 -4.33 9.47
CA ASP B 315 -17.00 -3.67 9.19
C ASP B 315 -17.94 -3.77 10.38
N ALA B 316 -17.88 -4.87 11.16
CA ALA B 316 -18.66 -5.00 12.41
C ALA B 316 -18.09 -4.00 13.43
N LEU B 317 -16.76 -3.94 13.60
CA LEU B 317 -16.17 -3.00 14.58
C LEU B 317 -16.57 -1.57 14.16
N CYS B 318 -16.70 -1.30 12.86
CA CYS B 318 -17.06 0.03 12.31
C CYS B 318 -18.49 0.41 12.70
N GLU B 319 -19.45 -0.51 12.50
CA GLU B 319 -20.89 -0.30 12.83
C GLU B 319 -21.00 0.08 14.30
N LYS B 320 -20.25 -0.62 15.16
CA LYS B 320 -20.21 -0.31 16.61
C LYS B 320 -19.62 1.10 16.78
N ALA B 321 -18.50 1.40 16.12
CA ALA B 321 -17.81 2.70 16.28
C ALA B 321 -18.76 3.84 15.89
N LEU B 322 -19.53 3.67 14.82
CA LEU B 322 -20.47 4.71 14.34
C LEU B 322 -21.42 5.12 15.47
N LYS B 323 -21.85 4.17 16.32
CA LYS B 323 -22.83 4.44 17.42
C LYS B 323 -22.19 5.26 18.55
N TYR B 324 -20.89 5.07 18.86
CA TYR B 324 -20.29 5.54 20.14
C TYR B 324 -19.13 6.52 19.94
N LEU B 325 -18.49 6.58 18.78
CA LEU B 325 -17.28 7.42 18.59
C LEU B 325 -17.58 8.49 17.55
N PRO B 326 -17.01 9.71 17.67
CA PRO B 326 -17.27 10.77 16.70
C PRO B 326 -16.75 10.41 15.30
N ILE B 327 -17.63 10.50 14.30
CA ILE B 327 -17.41 10.07 12.89
C ILE B 327 -16.29 10.89 12.22
N ASP B 328 -15.98 12.09 12.73
CA ASP B 328 -14.86 12.95 12.23
C ASP B 328 -13.52 12.25 12.50
N LYS B 329 -13.41 11.39 13.52
CA LYS B 329 -12.11 10.83 13.97
C LYS B 329 -11.95 9.35 13.55
N CYS B 330 -12.78 8.86 12.62
CA CYS B 330 -12.76 7.45 12.13
C CYS B 330 -12.41 7.35 10.66
N SER B 331 -11.58 6.37 10.30
CA SER B 331 -11.26 6.03 8.90
C SER B 331 -11.26 4.52 8.67
N ARG B 332 -11.94 4.09 7.61
CA ARG B 332 -11.93 2.72 7.06
C ARG B 332 -10.81 2.63 6.00
N ILE B 333 -9.75 1.87 6.26
CA ILE B 333 -8.60 1.66 5.32
C ILE B 333 -9.02 0.55 4.35
N ILE B 334 -9.10 0.87 3.06
CA ILE B 334 -9.57 -0.06 2.01
C ILE B 334 -8.46 -0.22 0.97
N PRO B 335 -7.95 -1.45 0.71
CA PRO B 335 -6.90 -1.66 -0.29
C PRO B 335 -7.31 -1.10 -1.67
N ALA B 336 -6.37 -0.43 -2.35
CA ALA B 336 -6.57 0.27 -3.63
C ALA B 336 -7.22 -0.67 -4.65
N ARG B 337 -6.97 -1.98 -4.51
CA ARG B 337 -7.66 -3.08 -5.24
C ARG B 337 -8.79 -3.60 -4.35
N ALA B 338 -9.85 -2.80 -4.16
CA ALA B 338 -11.02 -3.09 -3.30
C ALA B 338 -11.72 -4.35 -3.79
N ARG B 339 -11.93 -5.32 -2.88
CA ARG B 339 -12.30 -6.73 -3.20
C ARG B 339 -13.78 -7.02 -2.84
N VAL B 340 -14.31 -6.32 -1.84
CA VAL B 340 -15.74 -6.38 -1.40
C VAL B 340 -16.19 -4.93 -1.13
N GLU B 341 -17.49 -4.70 -1.05
CA GLU B 341 -18.08 -3.47 -0.46
C GLU B 341 -17.72 -3.46 1.03
N CYS B 342 -17.13 -2.39 1.53
CA CYS B 342 -16.73 -2.18 2.95
C CYS B 342 -17.53 -1.03 3.56
N PHE B 343 -17.31 -0.79 4.85
CA PHE B 343 -17.97 0.30 5.62
C PHE B 343 -17.79 1.62 4.85
N ASP B 344 -18.89 2.32 4.58
CA ASP B 344 -18.94 3.57 3.76
C ASP B 344 -18.93 4.82 4.66
N LYS B 345 -19.50 4.74 5.86
CA LYS B 345 -19.92 5.92 6.69
C LYS B 345 -18.71 6.66 7.26
N PHE B 346 -17.50 6.10 7.16
CA PHE B 346 -16.28 6.81 7.61
C PHE B 346 -15.59 7.48 6.41
N LYS B 347 -14.64 8.38 6.68
CA LYS B 347 -13.61 8.85 5.71
C LYS B 347 -12.72 7.67 5.33
N VAL B 348 -12.49 7.45 4.03
CA VAL B 348 -11.73 6.30 3.46
C VAL B 348 -10.25 6.68 3.31
N ASN B 349 -9.35 5.86 3.86
CA ASN B 349 -7.88 5.87 3.59
C ASN B 349 -7.21 7.10 4.22
N SER B 350 -7.82 7.65 5.28
CA SER B 350 -7.17 8.63 6.19
C SER B 350 -6.48 7.83 7.29
N THR B 351 -5.20 7.53 7.09
CA THR B 351 -4.34 6.71 7.96
C THR B 351 -4.08 7.41 9.31
N LEU B 352 -4.33 8.71 9.44
CA LEU B 352 -3.88 9.49 10.64
C LEU B 352 -5.07 9.94 11.49
N GLU B 353 -6.27 9.41 11.24
CA GLU B 353 -7.42 9.61 12.15
C GLU B 353 -7.06 8.98 13.50
N GLN B 354 -7.72 9.36 14.58
CA GLN B 354 -7.54 8.72 15.91
C GLN B 354 -7.93 7.23 15.80
N TYR B 355 -8.92 6.96 14.95
CA TYR B 355 -9.63 5.66 14.84
C TYR B 355 -9.47 5.16 13.39
N VAL B 356 -8.71 4.07 13.25
CA VAL B 356 -8.33 3.43 11.96
C VAL B 356 -8.93 2.00 11.94
N PHE B 357 -9.76 1.69 10.94
CA PHE B 357 -10.42 0.37 10.79
C PHE B 357 -9.91 -0.27 9.50
N CYS B 358 -9.19 -1.38 9.65
CA CYS B 358 -8.35 -1.95 8.57
C CYS B 358 -8.11 -3.45 8.76
N THR B 359 -8.39 -4.23 7.72
CA THR B 359 -8.02 -5.66 7.59
C THR B 359 -6.50 -5.80 7.76
N VAL B 360 -6.04 -6.90 8.38
CA VAL B 360 -4.61 -7.17 8.70
C VAL B 360 -3.75 -6.96 7.44
N ASN B 361 -4.24 -7.37 6.27
CA ASN B 361 -3.43 -7.49 5.02
C ASN B 361 -3.31 -6.12 4.33
N ALA B 362 -4.09 -5.12 4.75
CA ALA B 362 -4.06 -3.73 4.21
C ALA B 362 -3.50 -2.76 5.27
N LEU B 363 -2.99 -3.26 6.40
CA LEU B 363 -2.48 -2.36 7.48
C LEU B 363 -1.34 -1.51 6.93
N PRO B 364 -1.40 -0.17 7.15
CA PRO B 364 -0.21 0.67 6.95
C PRO B 364 0.84 0.40 8.03
N GLU B 365 2.07 0.83 7.77
CA GLU B 365 3.14 0.95 8.79
C GLU B 365 2.88 2.23 9.59
N THR B 366 2.41 2.10 10.84
CA THR B 366 2.08 3.25 11.71
C THR B 366 2.26 2.87 13.18
N THR B 367 2.04 3.82 14.07
CA THR B 367 2.06 3.62 15.54
C THR B 367 0.64 3.77 16.06
N ALA B 368 0.44 3.38 17.31
CA ALA B 368 -0.87 3.43 18.01
C ALA B 368 -0.62 3.36 19.51
N ASP B 369 -1.46 4.04 20.28
CA ASP B 369 -1.56 3.83 21.75
C ASP B 369 -2.06 2.41 21.98
N ILE B 370 -3.19 2.06 21.35
CA ILE B 370 -3.86 0.73 21.49
C ILE B 370 -4.04 0.12 20.09
N VAL B 371 -3.64 -1.15 19.95
CA VAL B 371 -4.07 -2.03 18.82
C VAL B 371 -5.06 -3.05 19.37
N VAL B 372 -6.23 -3.11 18.74
CA VAL B 372 -7.29 -4.12 19.02
C VAL B 372 -7.34 -5.05 17.79
N PHE B 373 -6.96 -6.30 18.03
CA PHE B 373 -7.03 -7.42 17.05
C PHE B 373 -8.24 -8.28 17.44
N ASP B 374 -9.27 -8.21 16.62
CA ASP B 374 -10.58 -8.88 16.86
C ASP B 374 -10.61 -10.22 16.10
N GLU B 375 -11.61 -11.06 16.40
CA GLU B 375 -11.91 -12.39 15.78
C GLU B 375 -10.62 -13.24 15.73
N ILE B 376 -9.95 -13.38 16.87
CA ILE B 376 -8.53 -13.84 16.90
C ILE B 376 -8.48 -15.34 16.61
N SER B 377 -9.60 -16.05 16.76
CA SER B 377 -9.67 -17.51 16.49
C SER B 377 -9.34 -17.71 15.01
N MET B 378 -9.79 -16.78 14.15
CA MET B 378 -9.58 -16.74 12.68
C MET B 378 -8.16 -16.25 12.31
N ALA B 379 -7.30 -15.99 13.29
CA ALA B 379 -5.93 -15.50 13.08
C ALA B 379 -4.99 -16.68 12.88
N THR B 380 -4.11 -16.59 11.87
CA THR B 380 -2.93 -17.48 11.70
C THR B 380 -1.72 -16.80 12.35
N ASN B 381 -0.66 -17.56 12.64
CA ASN B 381 0.61 -17.02 13.18
C ASN B 381 1.21 -16.04 12.15
N TYR B 382 0.98 -16.25 10.85
CA TYR B 382 1.38 -15.28 9.80
C TYR B 382 0.73 -13.93 10.14
N ASP B 383 -0.61 -13.89 10.23
CA ASP B 383 -1.41 -12.66 10.52
C ASP B 383 -0.86 -11.94 11.78
N LEU B 384 -0.69 -12.66 12.89
CA LEU B 384 -0.17 -12.10 14.18
C LEU B 384 1.18 -11.41 13.94
N SER B 385 2.08 -11.97 13.11
CA SER B 385 3.43 -11.41 12.84
C SER B 385 3.31 -10.13 12.02
N VAL B 386 2.61 -10.15 10.89
CA VAL B 386 2.31 -8.96 10.06
C VAL B 386 1.89 -7.80 10.99
N VAL B 387 0.90 -8.01 11.88
CA VAL B 387 0.35 -6.93 12.74
C VAL B 387 1.50 -6.33 13.54
N ASN B 388 2.37 -7.15 14.16
CA ASN B 388 3.49 -6.62 15.00
C ASN B 388 4.50 -5.90 14.09
N ALA B 389 4.61 -6.30 12.82
CA ALA B 389 5.57 -5.72 11.84
C ALA B 389 5.10 -4.32 11.42
N ARG B 390 3.80 -4.13 11.24
CA ARG B 390 3.24 -2.86 10.70
C ARG B 390 2.85 -1.90 11.84
N LEU B 391 2.48 -2.41 13.01
CA LEU B 391 1.93 -1.59 14.12
C LEU B 391 2.87 -1.63 15.33
N ARG B 392 3.48 -0.47 15.62
CA ARG B 392 4.24 -0.16 16.86
C ARG B 392 3.31 0.58 17.82
N ALA B 393 2.95 -0.08 18.93
CA ALA B 393 1.87 0.35 19.84
C ALA B 393 2.26 0.15 21.29
N LYS B 394 1.69 0.98 22.17
CA LYS B 394 1.87 0.90 23.64
C LYS B 394 1.24 -0.39 24.17
N HIS B 395 0.03 -0.72 23.67
CA HIS B 395 -0.79 -1.88 24.13
C HIS B 395 -1.46 -2.61 22.96
N TYR B 396 -1.34 -3.93 22.95
CA TYR B 396 -2.01 -4.86 21.98
C TYR B 396 -3.15 -5.59 22.72
N VAL B 397 -4.37 -5.49 22.19
CA VAL B 397 -5.56 -6.23 22.74
C VAL B 397 -6.02 -7.28 21.72
N TYR B 398 -6.02 -8.54 22.16
CA TYR B 398 -6.43 -9.73 21.37
C TYR B 398 -7.80 -10.18 21.86
N ILE B 399 -8.82 -9.94 21.02
CA ILE B 399 -10.23 -10.31 21.26
C ILE B 399 -10.66 -11.44 20.31
N GLY B 400 -11.27 -12.48 20.89
CA GLY B 400 -12.14 -13.47 20.23
C GLY B 400 -12.42 -14.63 21.17
N ASP B 401 -12.42 -15.84 20.65
CA ASP B 401 -12.86 -17.02 21.42
C ASP B 401 -12.32 -18.26 20.74
N PRO B 402 -11.47 -19.06 21.43
CA PRO B 402 -10.97 -20.31 20.89
C PRO B 402 -12.02 -21.42 20.78
N ALA B 403 -13.23 -21.26 21.35
CA ALA B 403 -14.38 -22.18 21.17
C ALA B 403 -15.12 -21.87 19.86
N GLN B 404 -14.68 -20.86 19.10
CA GLN B 404 -15.22 -20.54 17.77
C GLN B 404 -14.23 -21.00 16.69
N LEU B 405 -14.54 -20.68 15.43
CA LEU B 405 -13.89 -21.31 14.24
C LEU B 405 -12.51 -20.71 13.96
N PRO B 406 -11.56 -21.57 13.54
CA PRO B 406 -10.25 -21.12 13.06
C PRO B 406 -10.30 -20.80 11.56
N ALA B 407 -9.27 -20.14 11.04
CA ALA B 407 -9.09 -19.98 9.56
C ALA B 407 -8.93 -21.38 8.99
N PRO B 408 -9.57 -21.67 7.84
CA PRO B 408 -9.35 -22.93 7.14
C PRO B 408 -7.87 -23.16 6.87
N ARG B 409 -7.39 -24.36 7.16
CA ARG B 409 -6.06 -24.85 6.73
C ARG B 409 -6.30 -25.68 5.46
N THR B 410 -6.11 -25.09 4.28
CA THR B 410 -6.44 -25.71 2.97
C THR B 410 -5.64 -27.01 2.78
N LEU B 411 -4.43 -27.12 3.33
CA LEU B 411 -3.53 -28.30 3.14
C LEU B 411 -3.85 -29.40 4.17
N LEU B 412 -4.35 -29.04 5.34
CA LEU B 412 -4.59 -30.01 6.45
C LEU B 412 -5.75 -30.93 6.07
N THR B 413 -5.48 -32.21 5.82
CA THR B 413 -6.54 -33.23 5.58
C THR B 413 -6.54 -34.30 6.67
N LYS B 414 -5.45 -34.48 7.43
CA LYS B 414 -5.38 -35.58 8.43
C LYS B 414 -5.28 -35.02 9.85
N GLY B 415 -6.21 -35.45 10.72
CA GLY B 415 -6.24 -35.10 12.15
C GLY B 415 -7.02 -33.81 12.35
N THR B 416 -7.40 -33.52 13.59
CA THR B 416 -8.23 -32.33 13.93
C THR B 416 -7.31 -31.32 14.63
N LEU B 417 -7.40 -30.06 14.22
CA LEU B 417 -6.71 -28.91 14.85
C LEU B 417 -7.51 -28.44 16.06
N GLU B 418 -7.01 -28.73 17.26
CA GLU B 418 -7.62 -28.36 18.56
C GLU B 418 -7.40 -26.87 18.82
N PRO B 419 -8.31 -26.21 19.57
CA PRO B 419 -8.18 -24.78 19.80
C PRO B 419 -6.83 -24.32 20.37
N GLU B 420 -6.17 -25.12 21.21
CA GLU B 420 -4.91 -24.69 21.84
C GLU B 420 -3.81 -24.50 20.79
N TYR B 421 -4.02 -24.90 19.53
CA TYR B 421 -2.99 -24.84 18.45
C TYR B 421 -3.43 -23.94 17.29
N PHE B 422 -4.56 -23.23 17.41
CA PHE B 422 -5.05 -22.30 16.35
C PHE B 422 -4.04 -21.20 16.08
N ASN B 423 -3.46 -20.62 17.14
CA ASN B 423 -2.44 -19.55 17.06
C ASN B 423 -1.91 -19.30 18.47
N SER B 424 -0.89 -18.47 18.63
CA SER B 424 -0.21 -18.28 19.94
C SER B 424 -1.18 -17.65 20.94
N VAL B 425 -2.11 -16.82 20.49
CA VAL B 425 -3.12 -16.17 21.39
C VAL B 425 -4.07 -17.25 21.93
N CYS B 426 -4.66 -18.08 21.05
CA CYS B 426 -5.54 -19.18 21.50
C CYS B 426 -4.75 -20.15 22.36
N ARG B 427 -3.47 -20.37 22.03
CA ARG B 427 -2.67 -21.31 22.83
C ARG B 427 -2.63 -20.77 24.26
N LEU B 428 -2.24 -19.50 24.42
CA LEU B 428 -2.23 -18.83 25.75
C LEU B 428 -3.63 -18.97 26.35
N MET B 429 -4.67 -18.56 25.63
CA MET B 429 -6.05 -18.62 26.20
C MET B 429 -6.34 -20.05 26.69
N LYS B 430 -5.88 -21.10 25.99
CA LYS B 430 -6.29 -22.50 26.32
C LYS B 430 -5.34 -23.12 27.35
N THR B 431 -4.13 -22.58 27.52
CA THR B 431 -3.12 -23.16 28.46
C THR B 431 -3.16 -22.42 29.81
N ILE B 432 -2.80 -21.15 29.86
CA ILE B 432 -2.74 -20.33 31.12
C ILE B 432 -4.05 -19.53 31.29
N GLY B 433 -5.05 -19.77 30.44
CA GLY B 433 -6.34 -19.04 30.53
C GLY B 433 -6.22 -17.65 29.90
N PRO B 434 -7.36 -17.04 29.53
CA PRO B 434 -7.36 -15.67 29.01
C PRO B 434 -7.19 -14.67 30.17
N ASP B 435 -6.83 -13.42 29.84
CA ASP B 435 -6.59 -12.34 30.84
C ASP B 435 -7.95 -11.84 31.33
N MET B 436 -8.90 -11.75 30.40
CA MET B 436 -10.25 -11.19 30.61
C MET B 436 -11.25 -12.13 29.90
N PHE B 437 -12.31 -12.52 30.60
CA PHE B 437 -13.40 -13.42 30.12
C PHE B 437 -14.76 -12.72 30.30
N LEU B 438 -15.45 -12.42 29.19
CA LEU B 438 -16.85 -11.92 29.18
C LEU B 438 -17.83 -13.09 29.44
N GLY B 439 -18.38 -13.17 30.64
CA GLY B 439 -19.04 -14.38 31.16
C GLY B 439 -20.56 -14.40 31.01
N THR B 440 -21.20 -13.36 30.46
CA THR B 440 -22.68 -13.33 30.40
C THR B 440 -23.11 -13.12 28.95
N CYS B 441 -23.75 -14.11 28.37
CA CYS B 441 -24.26 -14.02 26.98
C CYS B 441 -25.57 -13.21 27.00
N ARG B 442 -25.66 -12.11 26.27
CA ARG B 442 -26.89 -11.28 26.22
C ARG B 442 -27.66 -11.54 24.92
N ARG B 443 -27.18 -12.42 24.05
CA ARG B 443 -27.83 -12.59 22.73
C ARG B 443 -28.90 -13.69 22.80
N CYS B 444 -28.55 -14.84 23.39
CA CYS B 444 -29.17 -16.15 23.09
C CYS B 444 -30.18 -16.54 24.18
N PRO B 445 -31.29 -17.19 23.78
CA PRO B 445 -32.23 -17.78 24.73
C PRO B 445 -31.38 -18.67 25.64
N ALA B 446 -31.81 -18.92 26.87
CA ALA B 446 -31.02 -19.66 27.88
C ALA B 446 -30.77 -21.10 27.43
N GLU B 447 -31.68 -21.67 26.62
CA GLU B 447 -31.54 -23.07 26.11
C GLU B 447 -30.21 -23.20 25.38
N ILE B 448 -29.87 -22.21 24.56
CA ILE B 448 -28.59 -22.19 23.80
C ILE B 448 -27.43 -21.90 24.75
N VAL B 449 -27.56 -20.88 25.60
CA VAL B 449 -26.45 -20.46 26.49
C VAL B 449 -26.03 -21.66 27.33
N ASP B 450 -26.98 -22.34 27.95
CA ASP B 450 -26.73 -23.52 28.83
C ASP B 450 -26.13 -24.67 28.02
N THR B 451 -26.57 -24.92 26.78
CA THR B 451 -25.97 -26.00 25.94
C THR B 451 -24.49 -25.72 25.70
N VAL B 452 -24.16 -24.53 25.17
CA VAL B 452 -22.75 -24.22 24.81
C VAL B 452 -21.92 -24.03 26.09
N SER B 453 -22.49 -23.45 27.16
CA SER B 453 -21.76 -23.25 28.43
C SER B 453 -21.20 -24.59 28.88
N ALA B 454 -22.03 -25.63 28.87
CA ALA B 454 -21.60 -27.00 29.23
C ALA B 454 -20.64 -27.56 28.18
N LEU B 455 -20.86 -27.27 26.89
CA LEU B 455 -20.17 -27.96 25.77
C LEU B 455 -18.73 -27.47 25.67
N VAL B 456 -18.48 -26.14 25.67
CA VAL B 456 -17.13 -25.61 25.35
C VAL B 456 -16.64 -24.59 26.39
N TYR B 457 -17.45 -24.17 27.37
CA TYR B 457 -17.08 -23.07 28.29
C TYR B 457 -16.99 -23.55 29.73
N ASP B 458 -16.81 -24.86 29.95
CA ASP B 458 -16.74 -25.48 31.30
C ASP B 458 -17.71 -24.73 32.23
N ASN B 459 -18.94 -24.48 31.77
CA ASN B 459 -20.08 -24.06 32.63
C ASN B 459 -19.88 -22.63 33.15
N LYS B 460 -18.95 -21.88 32.56
CA LYS B 460 -18.59 -20.50 33.01
C LYS B 460 -19.40 -19.45 32.22
N LEU B 461 -20.16 -19.86 31.20
CA LEU B 461 -20.98 -18.91 30.41
C LEU B 461 -22.40 -18.89 30.98
N LYS B 462 -22.85 -17.72 31.41
CA LYS B 462 -24.18 -17.54 32.02
C LYS B 462 -25.08 -16.85 30.98
N ALA B 463 -26.39 -17.08 31.09
CA ALA B 463 -27.45 -16.55 30.23
C ALA B 463 -27.99 -15.24 30.84
N HIS B 464 -28.07 -14.15 30.10
CA HIS B 464 -28.86 -12.96 30.50
C HIS B 464 -30.35 -13.19 30.23
N LYS B 465 -30.67 -13.81 29.10
CA LYS B 465 -32.07 -14.00 28.69
C LYS B 465 -32.65 -15.19 29.44
N ASP B 466 -33.97 -15.18 29.61
CA ASP B 466 -34.79 -16.36 30.00
C ASP B 466 -34.66 -17.40 28.88
N LYS B 467 -35.10 -18.63 29.13
CA LYS B 467 -35.45 -19.63 28.08
C LYS B 467 -36.46 -18.98 27.14
N SER B 468 -36.41 -19.24 25.84
CA SER B 468 -37.33 -18.62 24.85
C SER B 468 -38.56 -19.52 24.66
N ALA B 469 -38.42 -20.81 24.93
CA ALA B 469 -39.36 -21.89 24.55
C ALA B 469 -39.66 -21.81 23.05
N GLN B 470 -38.68 -21.34 22.26
CA GLN B 470 -38.67 -21.36 20.77
C GLN B 470 -37.37 -22.01 20.27
N CYS B 471 -36.78 -22.93 21.06
CA CYS B 471 -35.55 -23.67 20.71
C CYS B 471 -35.91 -25.15 20.62
N PHE B 472 -35.80 -25.74 19.42
CA PHE B 472 -36.34 -27.07 19.09
C PHE B 472 -35.25 -27.93 18.45
N LYS B 473 -35.24 -29.21 18.76
CA LYS B 473 -34.35 -30.20 18.10
C LYS B 473 -35.22 -31.30 17.53
N MET B 474 -34.74 -31.90 16.45
CA MET B 474 -35.28 -33.18 15.94
C MET B 474 -34.11 -34.04 15.47
N PHE B 475 -34.10 -35.31 15.89
CA PHE B 475 -33.14 -36.32 15.44
C PHE B 475 -33.69 -36.91 14.14
N TYR B 476 -33.02 -36.64 13.02
CA TYR B 476 -33.46 -37.05 11.66
C TYR B 476 -32.28 -37.10 10.68
N LYS B 477 -31.71 -38.29 10.57
CA LYS B 477 -30.52 -38.62 9.75
C LYS B 477 -30.82 -38.39 8.28
N GLY B 478 -32.05 -38.63 7.83
CA GLY B 478 -32.43 -38.28 6.45
C GLY B 478 -31.58 -39.10 5.49
N VAL B 479 -31.15 -38.50 4.38
CA VAL B 479 -30.42 -39.22 3.30
C VAL B 479 -29.36 -38.26 2.83
N ILE B 480 -28.11 -38.72 2.75
CA ILE B 480 -26.95 -37.84 2.46
C ILE B 480 -26.53 -38.10 1.03
N THR B 481 -26.65 -37.06 0.18
CA THR B 481 -26.11 -37.04 -1.20
C THR B 481 -24.90 -36.13 -1.16
N HIS B 482 -24.06 -36.20 -2.19
CA HIS B 482 -22.88 -35.31 -2.32
C HIS B 482 -22.93 -34.61 -3.67
N ASP B 483 -22.69 -33.31 -3.67
CA ASP B 483 -22.20 -32.55 -4.84
C ASP B 483 -20.68 -32.56 -4.72
N VAL B 484 -20.04 -33.53 -5.39
CA VAL B 484 -18.60 -33.90 -5.22
C VAL B 484 -18.42 -34.41 -3.78
N SER B 485 -17.85 -33.58 -2.88
CA SER B 485 -17.56 -33.91 -1.46
C SER B 485 -18.49 -33.15 -0.50
N SER B 486 -19.16 -32.11 -0.99
CA SER B 486 -20.08 -31.23 -0.21
C SER B 486 -21.40 -31.97 -0.03
N ALA B 487 -21.90 -32.03 1.20
CA ALA B 487 -23.03 -32.91 1.56
C ALA B 487 -24.35 -32.15 1.36
N ILE B 488 -25.38 -32.90 1.01
CA ILE B 488 -26.79 -32.45 0.87
C ILE B 488 -27.63 -33.46 1.63
N ASN B 489 -28.70 -33.00 2.27
CA ASN B 489 -29.69 -33.89 2.94
C ASN B 489 -31.09 -33.34 2.66
N ARG B 490 -31.71 -33.79 1.56
CA ARG B 490 -33.01 -33.27 1.10
C ARG B 490 -34.08 -33.63 2.12
N PRO B 491 -34.12 -34.86 2.65
CA PRO B 491 -35.10 -35.17 3.68
C PRO B 491 -35.04 -34.18 4.87
N GLN B 492 -33.85 -33.71 5.27
CA GLN B 492 -33.74 -32.76 6.42
C GLN B 492 -34.36 -31.42 6.02
N ILE B 493 -34.16 -31.01 4.76
CA ILE B 493 -34.83 -29.81 4.21
C ILE B 493 -36.36 -30.07 4.16
N GLY B 494 -36.76 -31.28 3.74
CA GLY B 494 -38.15 -31.73 3.72
C GLY B 494 -38.82 -31.49 5.07
N VAL B 495 -38.18 -31.98 6.13
CA VAL B 495 -38.62 -31.79 7.54
C VAL B 495 -38.73 -30.29 7.89
N VAL B 496 -37.85 -29.43 7.39
CA VAL B 496 -37.87 -27.97 7.67
C VAL B 496 -39.10 -27.37 6.97
N ARG B 497 -39.32 -27.72 5.69
CA ARG B 497 -40.49 -27.27 4.92
C ARG B 497 -41.77 -27.56 5.72
N GLU B 498 -41.94 -28.78 6.21
CA GLU B 498 -43.12 -29.17 7.02
C GLU B 498 -43.20 -28.29 8.26
N PHE B 499 -42.09 -28.13 8.99
CA PHE B 499 -42.04 -27.28 10.20
C PHE B 499 -42.54 -25.87 9.87
N LEU B 500 -42.06 -25.29 8.76
CA LEU B 500 -42.37 -23.89 8.40
C LEU B 500 -43.89 -23.74 8.21
N THR B 501 -44.55 -24.73 7.62
CA THR B 501 -46.02 -24.65 7.36
C THR B 501 -46.74 -24.38 8.69
N ARG B 502 -46.27 -24.95 9.80
CA ARG B 502 -46.97 -24.95 11.13
C ARG B 502 -46.37 -23.91 12.07
N ASN B 503 -45.38 -23.13 11.64
CA ASN B 503 -44.59 -22.21 12.49
C ASN B 503 -44.27 -20.92 11.74
N PRO B 504 -45.28 -20.10 11.35
CA PRO B 504 -45.08 -19.02 10.38
C PRO B 504 -44.14 -17.89 10.84
N ALA B 505 -43.89 -17.77 12.15
CA ALA B 505 -42.93 -16.82 12.76
C ALA B 505 -41.52 -17.07 12.22
N TRP B 506 -41.26 -18.28 11.70
CA TRP B 506 -39.90 -18.76 11.31
C TRP B 506 -39.64 -18.47 9.84
N ARG B 507 -40.60 -17.83 9.17
CA ARG B 507 -40.57 -17.62 7.70
C ARG B 507 -39.41 -16.69 7.35
N LYS B 508 -38.99 -15.88 8.31
CA LYS B 508 -37.86 -14.91 8.23
C LYS B 508 -36.54 -15.53 8.76
N ALA B 509 -36.52 -16.81 9.13
CA ALA B 509 -35.34 -17.48 9.73
C ALA B 509 -34.22 -17.56 8.71
N VAL B 510 -32.97 -17.53 9.18
CA VAL B 510 -31.77 -17.84 8.35
C VAL B 510 -31.60 -19.37 8.41
N PHE B 511 -31.35 -20.00 7.27
CA PHE B 511 -31.07 -21.45 7.17
C PHE B 511 -29.56 -21.58 7.28
N ILE B 512 -29.06 -22.41 8.20
CA ILE B 512 -27.61 -22.59 8.44
C ILE B 512 -27.28 -24.08 8.37
N SER B 513 -26.20 -24.42 7.70
CA SER B 513 -25.68 -25.81 7.61
C SER B 513 -24.18 -25.72 7.45
N PRO B 514 -23.46 -26.82 7.73
CA PRO B 514 -22.01 -26.83 7.55
C PRO B 514 -21.56 -26.93 6.07
N TYR B 515 -22.49 -26.89 5.11
CA TYR B 515 -22.21 -27.22 3.68
C TYR B 515 -22.93 -26.27 2.70
N ASN B 516 -22.15 -25.65 1.81
CA ASN B 516 -22.63 -24.79 0.69
C ASN B 516 -23.72 -25.50 -0.11
N SER B 517 -23.53 -26.78 -0.40
CA SER B 517 -24.42 -27.46 -1.36
C SER B 517 -25.77 -27.72 -0.69
N GLN B 518 -25.77 -28.07 0.60
CA GLN B 518 -27.02 -28.15 1.41
C GLN B 518 -27.73 -26.79 1.32
N ASN B 519 -26.96 -25.72 1.48
CA ASN B 519 -27.45 -24.32 1.50
C ASN B 519 -28.08 -23.99 0.15
N ALA B 520 -27.43 -24.32 -0.97
CA ALA B 520 -27.95 -24.11 -2.34
C ALA B 520 -29.34 -24.74 -2.46
N VAL B 521 -29.48 -25.97 -1.95
CA VAL B 521 -30.76 -26.72 -2.08
C VAL B 521 -31.83 -26.08 -1.17
N ALA B 522 -31.50 -25.73 0.07
CA ALA B 522 -32.43 -25.06 1.00
C ALA B 522 -32.88 -23.72 0.41
N SER B 523 -31.98 -22.98 -0.24
CA SER B 523 -32.29 -21.70 -0.93
C SER B 523 -33.50 -21.89 -1.85
N LYS B 524 -33.40 -22.82 -2.83
CA LYS B 524 -34.43 -23.11 -3.86
C LYS B 524 -35.73 -23.62 -3.22
N ILE B 525 -35.66 -24.61 -2.33
CA ILE B 525 -36.89 -25.32 -1.83
C ILE B 525 -37.58 -24.46 -0.74
N LEU B 526 -36.82 -23.78 0.11
CA LEU B 526 -37.33 -23.03 1.31
C LEU B 526 -37.48 -21.54 1.02
N GLY B 527 -36.56 -20.96 0.24
CA GLY B 527 -36.56 -19.51 -0.08
C GLY B 527 -35.99 -18.68 1.07
N LEU B 528 -35.54 -19.32 2.15
CA LEU B 528 -34.91 -18.62 3.31
C LEU B 528 -33.52 -18.14 2.88
N PRO B 529 -33.03 -16.99 3.39
CA PRO B 529 -31.63 -16.65 3.22
C PRO B 529 -30.83 -17.75 3.93
N THR B 530 -29.58 -17.87 3.54
CA THR B 530 -28.80 -19.10 3.69
C THR B 530 -27.40 -18.67 4.17
N GLN B 531 -26.75 -19.50 4.98
CA GLN B 531 -25.45 -19.17 5.59
C GLN B 531 -24.76 -20.46 6.02
N THR B 532 -23.47 -20.63 5.68
CA THR B 532 -22.64 -21.73 6.23
C THR B 532 -22.37 -21.36 7.67
N VAL B 533 -22.03 -22.32 8.51
CA VAL B 533 -21.71 -21.98 9.92
C VAL B 533 -20.54 -21.00 9.89
N ASP B 534 -19.54 -21.30 9.09
CA ASP B 534 -18.27 -20.54 9.00
C ASP B 534 -18.62 -19.10 8.57
N SER B 535 -19.50 -18.88 7.58
CA SER B 535 -19.86 -17.51 7.12
C SER B 535 -20.81 -16.80 8.11
N SER B 536 -21.56 -17.56 8.95
CA SER B 536 -22.49 -17.04 10.00
C SER B 536 -21.71 -16.40 11.14
N GLN B 537 -20.50 -16.88 11.41
CA GLN B 537 -19.71 -16.44 12.61
C GLN B 537 -19.70 -14.91 12.67
N GLY B 538 -19.91 -14.33 13.85
CA GLY B 538 -19.92 -12.86 14.05
C GLY B 538 -21.29 -12.21 13.83
N SER B 539 -22.24 -12.93 13.22
CA SER B 539 -23.62 -12.42 12.94
C SER B 539 -24.62 -13.06 13.92
N GLU B 540 -25.78 -12.42 14.04
CA GLU B 540 -26.92 -12.89 14.87
C GLU B 540 -28.22 -12.68 14.10
N TYR B 541 -29.20 -13.55 14.30
CA TYR B 541 -30.50 -13.46 13.63
C TYR B 541 -31.54 -13.84 14.67
N ASP B 542 -32.77 -13.35 14.50
CA ASP B 542 -33.92 -13.72 15.37
C ASP B 542 -34.09 -15.24 15.36
N TYR B 543 -34.25 -15.83 14.18
CA TYR B 543 -34.56 -17.27 14.06
C TYR B 543 -33.51 -17.95 13.19
N VAL B 544 -33.08 -19.14 13.61
CA VAL B 544 -32.07 -19.95 12.89
C VAL B 544 -32.71 -21.31 12.66
N ILE B 545 -32.62 -21.82 11.43
CA ILE B 545 -32.83 -23.26 11.18
C ILE B 545 -31.48 -23.84 10.78
N PHE B 546 -31.06 -24.88 11.50
CA PHE B 546 -29.78 -25.59 11.34
C PHE B 546 -30.11 -27.03 10.92
N THR B 547 -29.58 -27.49 9.79
CA THR B 547 -29.57 -28.94 9.44
C THR B 547 -28.13 -29.40 9.54
N GLN B 548 -27.88 -30.39 10.40
CA GLN B 548 -26.51 -30.91 10.56
C GLN B 548 -26.03 -31.50 9.21
N THR B 549 -26.96 -32.01 8.40
CA THR B 549 -26.72 -32.56 7.01
C THR B 549 -26.07 -33.93 7.08
N THR B 550 -24.95 -34.09 7.79
CA THR B 550 -24.15 -35.34 7.89
C THR B 550 -23.61 -35.53 9.29
N GLU B 551 -23.18 -36.75 9.62
CA GLU B 551 -22.26 -37.06 10.73
C GLU B 551 -20.87 -37.19 10.14
N THR B 552 -20.09 -36.13 10.23
CA THR B 552 -18.67 -36.07 9.83
C THR B 552 -17.93 -35.29 10.91
N ALA B 553 -16.60 -35.30 10.87
CA ALA B 553 -15.77 -34.50 11.78
C ALA B 553 -16.13 -33.02 11.61
N HIS B 554 -16.26 -32.59 10.35
CA HIS B 554 -16.68 -31.21 9.96
C HIS B 554 -18.00 -30.86 10.69
N SER B 555 -19.01 -31.70 10.58
CA SER B 555 -20.42 -31.41 10.99
C SER B 555 -20.60 -31.59 12.49
N CYS B 556 -19.71 -32.32 13.16
CA CYS B 556 -19.81 -32.61 14.61
C CYS B 556 -18.77 -31.84 15.40
N ASN B 557 -17.96 -31.03 14.74
CA ASN B 557 -16.91 -30.25 15.43
C ASN B 557 -17.63 -29.34 16.44
N VAL B 558 -17.22 -29.36 17.71
CA VAL B 558 -17.93 -28.68 18.83
C VAL B 558 -17.86 -27.16 18.66
N ASN B 559 -16.77 -26.65 18.08
CA ASN B 559 -16.58 -25.20 17.83
C ASN B 559 -17.58 -24.76 16.76
N ARG B 560 -17.67 -25.51 15.66
CA ARG B 560 -18.63 -25.20 14.57
C ARG B 560 -20.06 -25.30 15.11
N PHE B 561 -20.36 -26.33 15.90
CA PHE B 561 -21.71 -26.51 16.50
C PHE B 561 -22.03 -25.33 17.43
N ASN B 562 -21.04 -24.89 18.22
CA ASN B 562 -21.14 -23.75 19.18
C ASN B 562 -21.55 -22.51 18.39
N VAL B 563 -20.77 -22.15 17.38
CA VAL B 563 -21.07 -21.00 16.47
C VAL B 563 -22.49 -21.17 15.90
N ALA B 564 -22.81 -22.31 15.29
CA ALA B 564 -24.11 -22.53 14.61
C ALA B 564 -25.27 -22.13 15.52
N ILE B 565 -25.30 -22.58 16.78
CA ILE B 565 -26.54 -22.49 17.60
C ILE B 565 -26.55 -21.16 18.38
N THR B 566 -25.38 -20.51 18.53
CA THR B 566 -25.26 -19.21 19.23
C THR B 566 -25.53 -18.05 18.25
N ARG B 567 -25.97 -18.31 17.02
CA ARG B 567 -26.31 -17.21 16.08
C ARG B 567 -27.69 -16.61 16.42
N ALA B 568 -28.53 -17.34 17.15
CA ALA B 568 -29.98 -17.08 17.28
C ALA B 568 -30.26 -16.20 18.51
N LYS B 569 -31.09 -15.18 18.33
CA LYS B 569 -31.51 -14.27 19.43
C LYS B 569 -32.82 -14.73 20.08
N VAL B 570 -33.67 -15.45 19.35
CA VAL B 570 -35.04 -15.79 19.83
C VAL B 570 -35.27 -17.29 19.74
N GLY B 571 -35.16 -17.84 18.54
CA GLY B 571 -35.49 -19.25 18.31
C GLY B 571 -34.50 -19.95 17.41
N ILE B 572 -34.34 -21.25 17.63
CA ILE B 572 -33.55 -22.14 16.76
C ILE B 572 -34.28 -23.48 16.62
N LEU B 573 -34.23 -24.03 15.41
CA LEU B 573 -34.60 -25.43 15.09
C LEU B 573 -33.33 -26.13 14.62
N CYS B 574 -32.94 -27.23 15.27
CA CYS B 574 -31.79 -28.05 14.87
C CYS B 574 -32.32 -29.40 14.43
N ILE B 575 -32.18 -29.69 13.15
CA ILE B 575 -32.34 -31.07 12.61
C ILE B 575 -30.95 -31.71 12.67
N MET B 576 -30.81 -32.72 13.52
CA MET B 576 -29.51 -33.30 13.95
C MET B 576 -29.32 -34.70 13.35
N SER B 577 -28.08 -35.05 13.06
CA SER B 577 -27.66 -36.38 12.54
C SER B 577 -26.90 -37.12 13.64
N ASP B 578 -26.35 -36.37 14.58
CA ASP B 578 -25.42 -36.87 15.61
C ASP B 578 -26.15 -37.01 16.94
N ARG B 579 -26.14 -38.23 17.50
CA ARG B 579 -26.86 -38.62 18.73
C ARG B 579 -26.32 -37.79 19.90
N ASP B 580 -25.00 -37.74 20.05
CA ASP B 580 -24.30 -37.02 21.14
C ASP B 580 -24.75 -35.56 21.11
N LEU B 581 -24.50 -34.87 20.00
CA LEU B 581 -24.78 -33.41 19.94
C LEU B 581 -26.27 -33.20 20.09
N TYR B 582 -27.08 -34.11 19.54
CA TYR B 582 -28.55 -34.05 19.66
C TYR B 582 -28.94 -34.14 21.14
N ASP B 583 -28.45 -35.14 21.89
CA ASP B 583 -28.85 -35.35 23.31
C ASP B 583 -28.39 -34.15 24.13
N LYS B 584 -27.28 -33.50 23.76
CA LYS B 584 -26.71 -32.39 24.56
C LYS B 584 -27.59 -31.14 24.35
N LEU B 585 -28.29 -30.98 23.22
CA LEU B 585 -29.11 -29.76 23.01
C LEU B 585 -30.21 -29.70 24.10
N GLN B 586 -30.21 -28.65 24.91
CA GLN B 586 -31.18 -28.48 26.01
C GLN B 586 -32.44 -27.85 25.43
N PHE B 587 -33.02 -28.50 24.42
CA PHE B 587 -34.14 -27.97 23.61
C PHE B 587 -35.29 -28.95 23.77
N THR B 588 -36.51 -28.46 23.57
CA THR B 588 -37.72 -29.27 23.36
C THR B 588 -37.56 -30.13 22.12
N SER B 589 -37.67 -31.45 22.23
CA SER B 589 -37.61 -32.35 21.06
C SER B 589 -38.95 -32.31 20.36
N LEU B 590 -38.93 -32.17 19.03
CA LEU B 590 -40.12 -32.26 18.17
C LEU B 590 -40.28 -33.71 17.73
N GLU B 591 -41.50 -34.07 17.31
CA GLU B 591 -41.80 -35.38 16.69
C GLU B 591 -42.09 -35.14 15.20
N ILE B 592 -41.70 -36.12 14.36
CA ILE B 592 -42.27 -36.42 13.00
C ILE B 592 -41.28 -37.35 12.26
N1 VVD C . -16.15 11.30 -6.74
C4 VVD C . -15.33 9.03 -6.79
C5 VVD C . -14.31 8.10 -6.66
C6 VVD C . -13.06 8.53 -6.31
C7 VVD C . -12.76 9.88 -6.09
C8 VVD C . -13.79 10.81 -6.23
C1 VVD C . -17.40 13.07 -5.70
C2 VVD C . -16.18 12.62 -6.44
O1 VVD C . -15.29 13.41 -6.76
C3 VVD C . -15.07 10.38 -6.58
F1 VVD C . -12.09 7.60 -6.20
C9 VVD C . -11.35 10.34 -5.70
O2 VVD C . -11.22 11.53 -5.30
O3 VVD C . -10.41 9.51 -5.79
ZN ZN D . -3.07 28.35 11.14
ZN ZN E . 6.81 27.90 19.03
ZN ZN F . -20.58 30.16 24.33
P PO4 G . 21.21 10.69 -20.56
O1 PO4 G . 20.65 9.72 -19.57
O2 PO4 G . 20.11 11.44 -21.30
O3 PO4 G . 22.08 9.91 -21.54
O4 PO4 G . 22.07 11.71 -19.83
P PO4 H . 17.57 14.02 -21.16
O1 PO4 H . 17.24 12.62 -20.80
O2 PO4 H . 16.33 14.93 -20.97
O3 PO4 H . 17.98 14.15 -22.58
O4 PO4 H . 18.64 14.52 -20.22
N1 VVD I . -22.16 -5.93 27.38
C4 VVD I . -22.87 -7.65 25.82
C5 VVD I . -23.33 -8.04 24.58
C6 VVD I . -23.55 -7.08 23.62
C7 VVD I . -23.34 -5.74 23.85
C8 VVD I . -22.87 -5.34 25.11
C1 VVD I . -22.00 -4.87 29.56
C2 VVD I . -22.69 -5.02 28.22
O1 VVD I . -23.67 -4.34 27.92
C3 VVD I . -22.63 -6.30 26.09
F1 VVD I . -23.99 -7.49 22.41
C9 VVD I . -23.59 -4.72 22.79
O2 VVD I . -22.92 -4.82 21.73
O3 VVD I . -24.44 -3.84 23.02
ZN ZN J . 33.18 -34.17 -7.93
ZN ZN K . 16.42 -27.49 4.81
ZN ZN L . 22.05 -21.66 14.56
P PO4 M . -20.33 -9.92 20.93
O1 PO4 M . -20.89 -11.00 20.03
O2 PO4 M . -19.40 -10.54 21.96
O3 PO4 M . -21.45 -9.19 21.68
O4 PO4 M . -19.57 -8.91 20.08
P PO4 N . -19.69 -13.98 17.82
O1 PO4 N . -21.20 -14.18 17.91
O2 PO4 N . -19.03 -14.24 19.14
O3 PO4 N . -19.12 -14.99 16.79
O4 PO4 N . -19.37 -12.60 17.36
#